data_3I5V
#
_entry.id   3I5V
#
_cell.length_a   55.184
_cell.length_b   69.053
_cell.length_c   75.654
_cell.angle_alpha   93.06
_cell.angle_beta   94.60
_cell.angle_gamma   92.13
#
_symmetry.space_group_name_H-M   'P 1'
#
loop_
_entity.id
_entity.type
_entity.pdbx_description
1 polymer Beta-hemolysin
2 non-polymer 'DIACYL GLYCEROL'
3 water water
#
_entity_poly.entity_id   1
_entity_poly.type   'polypeptide(L)'
_entity_poly.pdbx_seq_one_letter_code
;MRSSHHHHHHSSGLVPRGSHMESKKDDTDLKLVSHNVYMLSTVLYPNWGQYKRADLIGQSSYIKNNDVVIFNEAFDNGAS
DKLLSNVKKEYPYQTPVLGRSQSGWDKTEGSYSSTVAEDGGVAIVSKYPIKEKIQHVFKSGCGFDNDSNKGFVYTKIEKN
GKNVHVIGTHTQSEDSRCGAGHDRKIRAEQMKEISDFVKKKNIPKDETVYIGGDLNVNKGTPEFKDMLKNLNVNDVLYAG
HNSTWDPQSNSIAKYNYPNGKPEHLDYIFTDKDHKQPKQLVNEVVTEKPKPWDVDGYVYNDFSDHYPIKAYSK
;
_entity_poly.pdbx_strand_id   A,B,C,D
#
loop_
_chem_comp.id
_chem_comp.type
_chem_comp.name
_chem_comp.formula
DGA non-polymer 'DIACYL GLYCEROL' 'C39 H76 O5'
#
# COMPACT_ATOMS: atom_id res chain seq x y z
N ASP A 29 24.49 22.36 -14.47
CA ASP A 29 24.50 22.75 -15.87
C ASP A 29 24.69 21.54 -16.76
N LEU A 30 23.94 20.49 -16.48
CA LEU A 30 24.01 19.25 -17.27
C LEU A 30 22.80 19.09 -18.18
N LYS A 31 23.00 18.31 -19.24
CA LYS A 31 21.91 17.91 -20.10
C LYS A 31 21.80 16.39 -19.99
N LEU A 32 20.81 15.93 -19.23
CA LEU A 32 20.70 14.49 -18.98
C LEU A 32 19.56 13.86 -19.77
N VAL A 33 19.55 12.53 -19.79
CA VAL A 33 18.43 11.76 -20.30
C VAL A 33 18.30 10.49 -19.45
N SER A 34 17.08 10.17 -19.06
CA SER A 34 16.81 8.92 -18.35
C SER A 34 15.76 8.14 -19.11
N HIS A 35 16.18 7.02 -19.69
CA HIS A 35 15.24 6.15 -20.37
C HIS A 35 15.17 4.79 -19.71
N ASN A 36 13.95 4.34 -19.42
CA ASN A 36 13.73 2.94 -19.12
C ASN A 36 13.66 2.21 -20.45
N VAL A 37 14.74 1.51 -20.81
CA VAL A 37 14.85 0.93 -22.15
C VAL A 37 14.11 -0.40 -22.34
N TYR A 38 13.65 -0.99 -21.23
CA TYR A 38 12.81 -2.19 -21.30
C TYR A 38 13.54 -3.36 -21.96
N MET A 39 14.73 -3.66 -21.47
CA MET A 39 15.51 -4.79 -21.94
C MET A 39 15.36 -5.99 -21.02
N LEU A 40 14.16 -6.53 -20.94
CA LEU A 40 13.95 -7.76 -20.16
C LEU A 40 14.82 -8.87 -20.72
N SER A 41 15.12 -9.86 -19.90
CA SER A 41 16.00 -10.95 -20.31
C SER A 41 15.47 -11.69 -21.54
N THR A 42 16.28 -11.78 -22.59
CA THR A 42 15.88 -12.49 -23.80
C THR A 42 15.83 -14.00 -23.60
N VAL A 43 16.25 -14.45 -22.43
CA VAL A 43 16.15 -15.86 -22.09
C VAL A 43 14.79 -16.16 -21.50
N LEU A 44 14.31 -15.28 -20.61
CA LEU A 44 13.06 -15.48 -19.90
C LEU A 44 11.87 -14.73 -20.53
N TYR A 45 12.17 -13.82 -21.44
CA TYR A 45 11.14 -13.07 -22.17
C TYR A 45 11.65 -12.73 -23.56
N PRO A 46 11.88 -13.77 -24.38
CA PRO A 46 12.66 -13.72 -25.64
C PRO A 46 12.09 -12.83 -26.74
N ASN A 47 10.79 -12.52 -26.67
CA ASN A 47 10.16 -11.81 -27.78
C ASN A 47 9.68 -10.40 -27.43
N TRP A 48 10.64 -9.49 -27.26
CA TRP A 48 10.31 -8.09 -27.04
C TRP A 48 11.14 -7.17 -27.92
N GLY A 49 11.95 -7.78 -28.79
CA GLY A 49 12.77 -7.02 -29.73
C GLY A 49 13.84 -6.20 -29.05
N GLN A 50 14.46 -6.78 -28.02
CA GLN A 50 15.48 -6.10 -27.23
C GLN A 50 16.65 -5.62 -28.10
N TYR A 51 17.11 -6.50 -29.00
CA TYR A 51 18.25 -6.19 -29.85
C TYR A 51 17.91 -5.16 -30.91
N LYS A 52 16.75 -5.34 -31.53
CA LYS A 52 16.27 -4.39 -32.52
C LYS A 52 16.23 -3.00 -31.91
N ARG A 53 15.55 -2.89 -30.77
CA ARG A 53 15.36 -1.61 -30.08
C ARG A 53 16.68 -0.96 -29.62
N ALA A 54 17.65 -1.77 -29.25
CA ALA A 54 18.96 -1.25 -28.86
C ALA A 54 19.54 -0.48 -30.03
N ASP A 55 19.27 -0.96 -31.24
CA ASP A 55 19.71 -0.28 -32.45
C ASP A 55 18.90 0.99 -32.70
N LEU A 56 17.58 0.86 -32.60
CA LEU A 56 16.70 2.02 -32.76
C LEU A 56 17.11 3.15 -31.81
N ILE A 57 17.30 2.80 -30.55
CA ILE A 57 17.69 3.76 -29.52
C ILE A 57 19.04 4.39 -29.86
N GLY A 58 19.98 3.59 -30.34
CA GLY A 58 21.28 4.09 -30.72
C GLY A 58 21.21 5.07 -31.87
N GLN A 59 20.33 4.80 -32.83
CA GLN A 59 20.19 5.63 -34.02
C GLN A 59 19.18 6.75 -33.83
N SER A 60 18.76 6.98 -32.59
CA SER A 60 17.72 7.96 -32.30
C SER A 60 18.27 9.38 -32.18
N SER A 61 17.37 10.33 -31.95
CA SER A 61 17.74 11.74 -31.90
C SER A 61 17.81 12.26 -30.46
N TYR A 62 17.19 11.55 -29.53
CA TYR A 62 17.12 12.02 -28.14
C TYR A 62 18.37 11.65 -27.32
N ILE A 63 18.98 10.51 -27.64
CA ILE A 63 20.21 10.12 -26.94
C ILE A 63 21.38 11.00 -27.33
N LYS A 64 21.21 11.81 -28.37
CA LYS A 64 22.32 12.58 -28.91
C LYS A 64 22.35 14.03 -28.41
N ASN A 65 23.56 14.57 -28.37
CA ASN A 65 23.83 15.90 -27.81
C ASN A 65 23.33 16.08 -26.38
N ASN A 66 23.60 15.08 -25.54
CA ASN A 66 23.45 15.22 -24.09
C ASN A 66 24.82 15.08 -23.44
N ASP A 67 24.86 15.20 -22.12
CA ASP A 67 26.11 15.05 -21.38
C ASP A 67 26.17 13.69 -20.69
N VAL A 68 25.05 13.30 -20.07
CA VAL A 68 24.98 12.04 -19.34
C VAL A 68 23.68 11.32 -19.63
N VAL A 69 23.75 10.01 -19.79
CA VAL A 69 22.56 9.21 -20.07
C VAL A 69 22.41 8.08 -19.06
N ILE A 70 21.22 8.00 -18.47
CA ILE A 70 20.91 6.97 -17.48
C ILE A 70 19.91 5.96 -18.05
N PHE A 71 20.34 4.70 -18.15
CA PHE A 71 19.49 3.64 -18.66
C PHE A 71 18.82 2.85 -17.54
N ASN A 72 17.63 2.33 -17.82
CA ASN A 72 16.90 1.50 -16.85
C ASN A 72 16.39 0.21 -17.48
N GLU A 73 16.26 -0.82 -16.65
CA GLU A 73 15.77 -2.11 -17.11
C GLU A 73 16.59 -2.67 -18.26
N ALA A 74 17.88 -2.33 -18.30
CA ALA A 74 18.80 -2.93 -19.26
C ALA A 74 19.27 -4.27 -18.73
N PHE A 75 18.31 -5.14 -18.40
CA PHE A 75 18.60 -6.40 -17.73
C PHE A 75 19.32 -7.39 -18.62
N ASP A 76 18.83 -7.56 -19.85
CA ASP A 76 19.45 -8.51 -20.79
C ASP A 76 20.88 -8.11 -21.11
N ASN A 77 21.81 -9.00 -20.79
CA ASN A 77 23.23 -8.73 -20.95
C ASN A 77 23.60 -8.43 -22.40
N GLY A 78 23.07 -9.22 -23.32
CA GLY A 78 23.37 -9.05 -24.73
C GLY A 78 22.95 -7.70 -25.30
N ALA A 79 21.65 -7.45 -25.29
CA ALA A 79 21.09 -6.23 -25.86
C ALA A 79 21.62 -4.97 -25.17
N SER A 80 21.86 -5.05 -23.87
CA SER A 80 22.36 -3.91 -23.12
C SER A 80 23.81 -3.61 -23.49
N ASP A 81 24.56 -4.65 -23.84
CA ASP A 81 25.94 -4.48 -24.30
C ASP A 81 25.96 -3.78 -25.66
N LYS A 82 24.96 -4.09 -26.48
CA LYS A 82 24.83 -3.47 -27.80
C LYS A 82 24.39 -2.02 -27.64
N LEU A 83 23.43 -1.79 -26.76
CA LEU A 83 22.97 -0.44 -26.47
C LEU A 83 24.15 0.43 -26.05
N LEU A 84 24.93 -0.08 -25.10
CA LEU A 84 26.08 0.64 -24.58
C LEU A 84 27.15 0.94 -25.64
N SER A 85 27.39 0.01 -26.55
CA SER A 85 28.40 0.20 -27.60
C SER A 85 27.84 0.93 -28.82
N ASN A 86 26.52 1.05 -28.91
CA ASN A 86 25.87 1.89 -29.91
C ASN A 86 26.06 3.35 -29.53
N VAL A 87 26.39 3.55 -28.25
CA VAL A 87 26.45 4.87 -27.64
C VAL A 87 27.90 5.23 -27.33
N LYS A 88 28.77 4.22 -27.39
CA LYS A 88 30.16 4.30 -26.95
C LYS A 88 30.92 5.52 -27.45
N LYS A 89 30.70 5.90 -28.70
CA LYS A 89 31.43 7.04 -29.29
C LYS A 89 31.03 8.36 -28.63
N GLU A 90 29.74 8.66 -28.67
CA GLU A 90 29.24 9.93 -28.13
C GLU A 90 29.40 10.00 -26.62
N TYR A 91 29.22 8.86 -25.95
CA TYR A 91 29.39 8.77 -24.51
C TYR A 91 30.43 7.71 -24.15
N PRO A 92 31.71 8.07 -24.25
CA PRO A 92 32.86 7.17 -24.10
C PRO A 92 32.98 6.61 -22.69
N TYR A 93 32.69 7.43 -21.69
CA TYR A 93 32.88 7.05 -20.30
C TYR A 93 31.62 6.41 -19.73
N GLN A 94 31.69 5.10 -19.51
CA GLN A 94 30.51 4.34 -19.09
C GLN A 94 30.81 3.52 -17.85
N THR A 95 29.75 3.14 -17.13
CA THR A 95 29.86 2.25 -16.00
C THR A 95 29.35 0.88 -16.41
N PRO A 96 29.64 -0.16 -15.60
CA PRO A 96 29.00 -1.45 -15.84
C PRO A 96 27.50 -1.34 -15.59
N VAL A 97 26.77 -2.44 -15.74
CA VAL A 97 25.36 -2.45 -15.34
C VAL A 97 25.27 -2.84 -13.87
N LEU A 98 24.58 -2.00 -13.10
CA LEU A 98 24.35 -2.25 -11.69
C LEU A 98 23.91 -3.69 -11.44
N GLY A 99 24.56 -4.35 -10.49
CA GLY A 99 24.18 -5.69 -10.08
C GLY A 99 24.76 -6.81 -10.92
N ARG A 100 25.29 -6.45 -12.10
CA ARG A 100 25.82 -7.43 -13.04
C ARG A 100 27.04 -8.15 -12.46
N SER A 101 28.10 -7.39 -12.20
CA SER A 101 29.31 -7.97 -11.63
C SER A 101 29.86 -7.11 -10.49
N GLN A 102 30.91 -7.61 -9.85
CA GLN A 102 31.54 -6.93 -8.73
C GLN A 102 32.81 -6.25 -9.20
N SER A 103 33.23 -6.61 -10.42
CA SER A 103 34.43 -6.07 -11.02
C SER A 103 34.08 -4.91 -11.95
N GLY A 104 34.91 -3.88 -11.96
CA GLY A 104 34.68 -2.72 -12.80
C GLY A 104 34.11 -1.55 -12.02
N TRP A 105 33.95 -1.75 -10.72
CA TRP A 105 33.48 -0.70 -9.83
C TRP A 105 34.59 -0.28 -8.85
N ASP A 106 34.59 0.99 -8.47
CA ASP A 106 35.54 1.48 -7.48
C ASP A 106 35.16 0.96 -6.09
N LYS A 107 33.87 0.71 -5.92
CA LYS A 107 33.34 0.28 -4.63
C LYS A 107 32.00 -0.40 -4.86
N THR A 108 31.67 -1.36 -3.99
CA THR A 108 30.38 -2.05 -4.08
C THR A 108 29.71 -2.08 -2.71
N GLU A 109 28.59 -1.39 -2.58
CA GLU A 109 27.88 -1.31 -1.30
C GLU A 109 26.56 -2.07 -1.35
N GLY A 110 25.90 -2.13 -0.20
CA GLY A 110 24.56 -2.68 -0.11
C GLY A 110 24.52 -4.20 0.02
N SER A 111 23.41 -4.79 -0.41
CA SER A 111 23.22 -6.23 -0.30
C SER A 111 23.43 -6.93 -1.64
N TYR A 112 24.62 -6.76 -2.21
CA TYR A 112 24.99 -7.45 -3.43
C TYR A 112 25.07 -8.94 -3.17
N SER A 113 24.61 -9.74 -4.12
CA SER A 113 24.72 -11.19 -4.01
C SER A 113 24.94 -11.81 -5.39
N SER A 114 25.67 -12.93 -5.42
CA SER A 114 26.01 -13.59 -6.68
C SER A 114 25.16 -14.83 -6.88
N THR A 115 23.98 -14.83 -6.28
CA THR A 115 23.09 -15.99 -6.31
C THR A 115 21.72 -15.60 -6.83
N VAL A 116 21.68 -14.47 -7.54
CA VAL A 116 20.42 -13.87 -7.94
C VAL A 116 20.21 -13.97 -9.45
N ALA A 117 18.94 -14.09 -9.85
CA ALA A 117 18.59 -14.33 -11.25
C ALA A 117 18.90 -13.17 -12.19
N GLU A 118 18.72 -11.94 -11.73
CA GLU A 118 18.93 -10.77 -12.58
C GLU A 118 19.69 -9.65 -11.85
N ASP A 119 20.28 -8.75 -12.64
CA ASP A 119 21.00 -7.60 -12.08
C ASP A 119 20.06 -6.47 -11.68
N GLY A 120 20.53 -5.23 -11.77
CA GLY A 120 19.75 -4.07 -11.39
C GLY A 120 19.25 -3.26 -12.57
N GLY A 121 19.88 -3.47 -13.73
CA GLY A 121 19.44 -2.84 -14.97
C GLY A 121 19.91 -1.41 -15.17
N VAL A 122 20.60 -0.85 -14.18
CA VAL A 122 21.00 0.56 -14.23
C VAL A 122 22.44 0.76 -14.71
N ALA A 123 22.61 1.67 -15.67
CA ALA A 123 23.93 2.01 -16.18
C ALA A 123 23.98 3.48 -16.56
N ILE A 124 25.11 4.13 -16.31
CA ILE A 124 25.28 5.53 -16.66
C ILE A 124 26.41 5.71 -17.67
N VAL A 125 26.15 6.51 -18.71
CA VAL A 125 27.18 6.83 -19.70
C VAL A 125 27.36 8.34 -19.76
N SER A 126 28.48 8.78 -20.32
CA SER A 126 28.87 10.18 -20.22
C SER A 126 29.83 10.63 -21.31
N LYS A 127 29.68 11.87 -21.75
CA LYS A 127 30.65 12.52 -22.63
C LYS A 127 31.93 12.83 -21.86
N TYR A 128 31.79 12.95 -20.55
CA TYR A 128 32.88 13.44 -19.70
C TYR A 128 33.41 12.37 -18.76
N PRO A 129 34.69 12.50 -18.39
CA PRO A 129 35.42 11.54 -17.55
C PRO A 129 34.68 11.15 -16.28
N ILE A 130 34.54 9.85 -16.04
CA ILE A 130 33.99 9.35 -14.78
C ILE A 130 35.13 9.03 -13.82
N LYS A 131 35.21 9.77 -12.72
CA LYS A 131 36.35 9.64 -11.81
C LYS A 131 36.03 8.79 -10.60
N GLU A 132 34.83 8.22 -10.58
CA GLU A 132 34.44 7.31 -9.51
C GLU A 132 33.07 6.69 -9.80
N LYS A 133 32.95 5.40 -9.49
CA LYS A 133 31.67 4.72 -9.64
C LYS A 133 31.45 3.68 -8.56
N ILE A 134 30.49 3.95 -7.69
CA ILE A 134 30.07 3.00 -6.69
C ILE A 134 28.73 2.42 -7.13
N GLN A 135 28.50 1.15 -6.83
CA GLN A 135 27.17 0.59 -7.02
C GLN A 135 26.63 0.23 -5.65
N HIS A 136 25.34 0.44 -5.46
CA HIS A 136 24.69 0.10 -4.21
C HIS A 136 23.41 -0.66 -4.50
N VAL A 137 23.28 -1.83 -3.90
CA VAL A 137 22.07 -2.63 -4.05
C VAL A 137 21.19 -2.44 -2.82
N PHE A 138 19.89 -2.33 -3.03
CA PHE A 138 18.96 -2.13 -1.92
C PHE A 138 18.87 -3.39 -1.06
N LYS A 139 18.65 -3.20 0.25
CA LYS A 139 18.45 -4.32 1.16
C LYS A 139 17.10 -4.98 0.94
N SER A 140 16.10 -4.17 0.62
CA SER A 140 14.72 -4.63 0.52
C SER A 140 14.23 -4.79 -0.92
N GLY A 141 13.32 -5.74 -1.12
CA GLY A 141 12.72 -6.00 -2.42
C GLY A 141 11.70 -7.12 -2.31
N CYS A 142 10.60 -7.00 -3.04
CA CYS A 142 9.57 -8.04 -3.04
C CYS A 142 9.17 -8.43 -4.45
N GLY A 143 8.52 -9.58 -4.59
CA GLY A 143 8.11 -10.08 -5.88
C GLY A 143 9.30 -10.42 -6.76
N PHE A 144 9.25 -10.00 -8.02
CA PHE A 144 10.33 -10.26 -8.95
C PHE A 144 11.59 -9.48 -8.58
N ASP A 145 11.40 -8.26 -8.08
CA ASP A 145 12.52 -7.40 -7.68
C ASP A 145 13.30 -8.02 -6.52
N ASN A 146 12.69 -9.02 -5.89
CA ASN A 146 13.34 -9.75 -4.81
C ASN A 146 14.47 -10.60 -5.36
N ASP A 147 14.28 -11.12 -6.56
CA ASP A 147 15.29 -11.93 -7.21
C ASP A 147 16.08 -11.10 -8.23
N SER A 148 16.38 -9.87 -7.86
CA SER A 148 17.19 -8.98 -8.68
C SER A 148 18.23 -8.27 -7.82
N ASN A 149 19.17 -7.60 -8.46
CA ASN A 149 20.14 -6.78 -7.76
C ASN A 149 19.85 -5.31 -7.96
N LYS A 150 18.59 -4.92 -7.80
CA LYS A 150 18.19 -3.54 -8.00
C LYS A 150 18.76 -2.66 -6.90
N GLY A 151 19.13 -1.44 -7.29
CA GLY A 151 19.74 -0.49 -6.40
C GLY A 151 20.08 0.74 -7.22
N PHE A 152 21.02 1.55 -6.76
CA PHE A 152 21.41 2.73 -7.52
C PHE A 152 22.89 2.71 -7.93
N VAL A 153 23.22 3.62 -8.85
CA VAL A 153 24.57 3.73 -9.37
C VAL A 153 25.07 5.14 -9.15
N TYR A 154 25.97 5.31 -8.19
CA TYR A 154 26.58 6.61 -7.97
C TYR A 154 27.67 6.85 -9.00
N THR A 155 27.82 8.09 -9.42
CA THR A 155 28.84 8.45 -10.39
C THR A 155 29.37 9.84 -10.07
N LYS A 156 30.66 10.05 -10.31
CA LYS A 156 31.29 11.33 -10.04
C LYS A 156 32.07 11.76 -11.27
N ILE A 157 31.38 12.37 -12.23
CA ILE A 157 32.02 12.79 -13.47
C ILE A 157 32.67 14.16 -13.27
N GLU A 158 33.63 14.49 -14.13
CA GLU A 158 34.31 15.78 -14.06
C GLU A 158 34.22 16.52 -15.38
N LYS A 159 33.39 17.56 -15.40
CA LYS A 159 33.20 18.38 -16.58
C LYS A 159 33.90 19.72 -16.43
N ASN A 160 34.90 19.95 -17.26
CA ASN A 160 35.64 21.21 -17.27
C ASN A 160 36.32 21.52 -15.95
N GLY A 161 36.90 20.51 -15.32
CA GLY A 161 37.61 20.69 -14.06
C GLY A 161 36.69 20.84 -12.85
N LYS A 162 35.38 20.82 -13.09
CA LYS A 162 34.40 20.89 -12.03
C LYS A 162 33.80 19.51 -11.78
N ASN A 163 33.54 19.18 -10.51
CA ASN A 163 32.95 17.90 -10.16
C ASN A 163 31.43 17.91 -10.14
N VAL A 164 30.83 16.99 -10.91
CA VAL A 164 29.38 16.83 -10.92
C VAL A 164 29.04 15.39 -10.55
N HIS A 165 28.00 15.22 -9.74
CA HIS A 165 27.64 13.91 -9.22
C HIS A 165 26.28 13.46 -9.73
N VAL A 166 26.22 12.24 -10.27
CA VAL A 166 25.01 11.74 -10.89
C VAL A 166 24.63 10.35 -10.39
N ILE A 167 23.41 10.23 -9.90
CA ILE A 167 22.91 8.96 -9.39
C ILE A 167 21.76 8.45 -10.24
N GLY A 168 21.88 7.21 -10.71
CA GLY A 168 20.82 6.59 -11.47
C GLY A 168 20.23 5.45 -10.66
N THR A 169 18.91 5.34 -10.65
CA THR A 169 18.27 4.32 -9.84
C THR A 169 17.02 3.77 -10.51
N HIS A 170 16.40 2.80 -9.84
CA HIS A 170 15.22 2.12 -10.34
C HIS A 170 14.65 1.34 -9.18
N THR A 171 13.61 1.89 -8.57
CA THR A 171 13.07 1.36 -7.33
C THR A 171 12.03 0.25 -7.54
N GLN A 172 11.56 -0.29 -6.43
CA GLN A 172 10.53 -1.33 -6.41
C GLN A 172 9.32 -0.96 -7.27
N SER A 173 8.96 -1.85 -8.20
CA SER A 173 7.81 -1.62 -9.06
C SER A 173 6.55 -2.24 -8.47
N GLU A 174 5.39 -1.77 -8.93
CA GLU A 174 4.12 -2.29 -8.46
C GLU A 174 3.98 -3.77 -8.81
N ASP A 175 4.09 -4.63 -7.80
CA ASP A 175 3.91 -6.06 -8.02
C ASP A 175 2.57 -6.51 -7.47
N SER A 176 1.68 -6.94 -8.38
CA SER A 176 0.35 -7.38 -8.01
C SER A 176 0.38 -8.56 -7.05
N ARG A 177 1.50 -9.29 -7.06
CA ARG A 177 1.68 -10.43 -6.17
C ARG A 177 2.82 -10.24 -5.18
N CYS A 178 2.63 -9.30 -4.25
CA CYS A 178 3.54 -9.12 -3.12
C CYS A 178 2.98 -8.10 -2.13
N GLY A 179 2.74 -8.56 -0.90
CA GLY A 179 2.23 -7.71 0.16
C GLY A 179 0.95 -6.97 -0.19
N ALA A 180 0.60 -5.99 0.64
CA ALA A 180 -0.56 -5.14 0.37
C ALA A 180 -0.09 -3.81 -0.22
N GLY A 181 0.45 -2.95 0.63
CA GLY A 181 1.07 -1.72 0.19
C GLY A 181 2.56 -1.77 0.45
N HIS A 182 3.09 -2.98 0.50
CA HIS A 182 4.50 -3.18 0.83
C HIS A 182 5.44 -2.59 -0.21
N ASP A 183 5.03 -2.64 -1.48
CA ASP A 183 5.83 -2.02 -2.53
C ASP A 183 6.07 -0.54 -2.22
N ARG A 184 5.07 0.11 -1.65
CA ARG A 184 5.19 1.53 -1.30
C ARG A 184 6.14 1.72 -0.11
N LYS A 185 6.05 0.86 0.88
CA LYS A 185 6.90 0.94 2.06
C LYS A 185 8.35 0.58 1.73
N ILE A 186 8.53 -0.31 0.76
CA ILE A 186 9.86 -0.70 0.31
C ILE A 186 10.52 0.45 -0.45
N ARG A 187 9.77 1.06 -1.35
CA ARG A 187 10.27 2.23 -2.10
C ARG A 187 10.74 3.31 -1.13
N ALA A 188 10.00 3.46 -0.04
CA ALA A 188 10.37 4.43 0.98
C ALA A 188 11.75 4.12 1.54
N GLU A 189 11.95 2.87 1.91
CA GLU A 189 13.23 2.42 2.45
C GLU A 189 14.35 2.65 1.42
N GLN A 190 14.08 2.25 0.18
CA GLN A 190 15.07 2.36 -0.89
C GLN A 190 15.51 3.81 -1.13
N MET A 191 14.55 4.69 -1.33
CA MET A 191 14.84 6.11 -1.51
C MET A 191 15.57 6.67 -0.30
N LYS A 192 15.32 6.08 0.87
CA LYS A 192 15.97 6.48 2.10
C LYS A 192 17.45 6.09 2.04
N GLU A 193 17.73 4.91 1.49
CA GLU A 193 19.10 4.43 1.32
C GLU A 193 19.89 5.36 0.42
N ILE A 194 19.21 5.94 -0.57
CA ILE A 194 19.86 6.86 -1.51
C ILE A 194 20.24 8.16 -0.82
N SER A 195 19.26 8.76 -0.13
CA SER A 195 19.48 10.03 0.56
C SER A 195 20.51 9.89 1.68
N ASP A 196 20.50 8.74 2.33
CA ASP A 196 21.47 8.44 3.38
C ASP A 196 22.85 8.30 2.77
N PHE A 197 22.89 7.71 1.58
CA PHE A 197 24.15 7.51 0.88
C PHE A 197 24.82 8.83 0.52
N VAL A 198 23.99 9.82 0.20
CA VAL A 198 24.50 11.12 -0.25
C VAL A 198 25.01 11.96 0.92
N LYS A 199 24.35 11.87 2.06
CA LYS A 199 24.77 12.62 3.24
C LYS A 199 26.05 12.05 3.84
N LYS A 200 26.20 10.73 3.76
CA LYS A 200 27.38 10.05 4.31
C LYS A 200 28.60 10.29 3.42
N LYS A 201 28.36 10.86 2.25
CA LYS A 201 29.40 11.01 1.24
C LYS A 201 30.14 12.35 1.37
N ASN A 202 29.66 13.21 2.28
CA ASN A 202 30.28 14.50 2.52
C ASN A 202 30.60 15.28 1.25
N ILE A 203 29.68 15.24 0.29
CA ILE A 203 29.86 15.95 -0.98
C ILE A 203 29.68 17.45 -0.78
N PRO A 204 30.66 18.23 -1.25
CA PRO A 204 30.66 19.70 -1.16
C PRO A 204 29.30 20.29 -1.54
N LYS A 205 28.88 21.31 -0.82
CA LYS A 205 27.59 21.96 -1.07
C LYS A 205 27.59 22.80 -2.35
N ASP A 206 28.77 23.09 -2.87
CA ASP A 206 28.87 23.88 -4.10
C ASP A 206 28.88 23.00 -5.35
N GLU A 207 28.54 21.73 -5.18
CA GLU A 207 28.50 20.78 -6.29
C GLU A 207 27.13 20.11 -6.40
N THR A 208 26.62 20.00 -7.61
CA THR A 208 25.27 19.49 -7.84
C THR A 208 25.23 17.96 -7.84
N VAL A 209 24.16 17.41 -7.29
CA VAL A 209 23.97 15.96 -7.24
C VAL A 209 22.63 15.56 -7.86
N TYR A 210 22.66 15.15 -9.12
CA TYR A 210 21.43 14.74 -9.80
C TYR A 210 20.99 13.35 -9.35
N ILE A 211 19.69 13.10 -9.40
CA ILE A 211 19.14 11.80 -9.00
C ILE A 211 17.96 11.45 -9.89
N GLY A 212 18.16 10.50 -10.80
CA GLY A 212 17.15 10.16 -11.77
C GLY A 212 16.85 8.68 -11.89
N GLY A 213 15.99 8.34 -12.86
CA GLY A 213 15.62 6.97 -13.11
C GLY A 213 14.13 6.74 -12.93
N ASP A 214 13.74 5.47 -12.98
CA ASP A 214 12.35 5.08 -12.79
C ASP A 214 12.06 4.92 -11.30
N LEU A 215 11.46 5.93 -10.69
CA LEU A 215 11.19 5.92 -9.25
C LEU A 215 9.87 5.22 -8.94
N ASN A 216 9.16 4.81 -9.97
CA ASN A 216 7.90 4.08 -9.83
C ASN A 216 6.92 4.78 -8.87
N VAL A 217 6.87 6.10 -8.95
CA VAL A 217 5.93 6.89 -8.17
C VAL A 217 5.21 7.86 -9.10
N ASN A 218 3.90 7.67 -9.24
CA ASN A 218 3.09 8.52 -10.12
C ASN A 218 3.05 9.96 -9.65
N LYS A 219 3.38 10.90 -10.55
CA LYS A 219 3.46 12.31 -10.20
C LYS A 219 2.20 12.84 -9.54
N GLY A 220 2.37 13.76 -8.58
CA GLY A 220 1.25 14.36 -7.90
C GLY A 220 0.35 13.36 -7.20
N THR A 221 0.94 12.54 -6.34
CA THR A 221 0.17 11.67 -5.47
C THR A 221 0.74 11.78 -4.07
N PRO A 222 -0.05 11.38 -3.05
CA PRO A 222 0.44 11.46 -1.67
C PRO A 222 1.80 10.78 -1.50
N GLU A 223 2.04 9.72 -2.27
CA GLU A 223 3.32 9.03 -2.23
C GLU A 223 4.42 9.88 -2.87
N PHE A 224 4.05 10.63 -3.91
CA PHE A 224 4.99 11.51 -4.58
C PHE A 224 5.52 12.57 -3.62
N LYS A 225 4.65 13.03 -2.72
CA LYS A 225 5.04 13.98 -1.69
C LYS A 225 6.07 13.35 -0.76
N ASP A 226 5.85 12.09 -0.41
CA ASP A 226 6.76 11.35 0.45
C ASP A 226 8.09 11.12 -0.24
N MET A 227 8.03 10.86 -1.55
CA MET A 227 9.23 10.58 -2.33
C MET A 227 10.19 11.77 -2.32
N LEU A 228 9.64 12.97 -2.45
CA LEU A 228 10.44 14.19 -2.45
C LEU A 228 11.20 14.37 -1.15
N LYS A 229 10.57 14.01 -0.04
CA LYS A 229 11.17 14.16 1.28
C LYS A 229 12.15 13.04 1.59
N ASN A 230 11.83 11.84 1.10
CA ASN A 230 12.70 10.69 1.29
C ASN A 230 13.97 10.81 0.46
N LEU A 231 13.83 11.21 -0.80
CA LEU A 231 14.97 11.46 -1.68
C LEU A 231 15.70 12.76 -1.32
N ASN A 232 15.09 13.54 -0.43
CA ASN A 232 15.61 14.85 -0.06
C ASN A 232 15.77 15.73 -1.30
N VAL A 233 14.67 15.92 -2.01
CA VAL A 233 14.70 16.49 -3.35
C VAL A 233 13.59 17.53 -3.57
N ASN A 234 13.91 18.60 -4.31
CA ASN A 234 12.92 19.59 -4.70
C ASN A 234 12.16 19.13 -5.93
N ASP A 235 10.98 19.69 -6.16
CA ASP A 235 10.25 19.35 -7.37
C ASP A 235 10.82 20.07 -8.59
N VAL A 236 10.31 19.74 -9.75
CA VAL A 236 10.85 20.19 -11.02
C VAL A 236 9.74 20.77 -11.90
N LEU A 237 10.08 21.75 -12.72
CA LEU A 237 9.16 22.21 -13.75
C LEU A 237 9.12 21.15 -14.86
N TYR A 238 7.91 20.80 -15.29
CA TYR A 238 7.79 19.76 -16.31
C TYR A 238 7.48 20.34 -17.68
N ALA A 239 7.95 19.67 -18.73
CA ALA A 239 7.67 20.08 -20.09
C ALA A 239 7.31 18.88 -20.96
N GLY A 240 6.62 19.15 -22.07
CA GLY A 240 6.30 18.11 -23.03
C GLY A 240 5.03 17.33 -22.73
N HIS A 241 5.22 16.05 -22.46
CA HIS A 241 4.13 15.11 -22.31
C HIS A 241 3.93 14.82 -20.82
N ASN A 242 2.68 14.80 -20.35
CA ASN A 242 2.42 14.61 -18.92
C ASN A 242 2.29 13.14 -18.50
N SER A 243 2.84 12.26 -19.33
CA SER A 243 2.84 10.83 -19.06
C SER A 243 4.20 10.23 -19.40
N THR A 244 4.60 9.20 -18.65
CA THR A 244 5.86 8.51 -18.90
C THR A 244 5.62 7.09 -19.39
N TRP A 245 4.59 6.47 -18.84
CA TRP A 245 4.11 5.19 -19.31
C TRP A 245 2.69 5.42 -19.80
N ASP A 246 2.51 5.46 -21.12
CA ASP A 246 1.26 5.92 -21.72
C ASP A 246 0.66 4.93 -22.73
N PRO A 247 -0.31 4.11 -22.28
CA PRO A 247 -0.97 3.09 -23.11
C PRO A 247 -1.93 3.66 -24.15
N GLN A 248 -1.93 4.97 -24.34
CA GLN A 248 -2.78 5.60 -25.36
C GLN A 248 -1.95 5.90 -26.60
N SER A 249 -0.66 6.11 -26.39
CA SER A 249 0.24 6.50 -27.47
C SER A 249 1.40 5.51 -27.66
N ASN A 250 1.68 4.70 -26.64
CA ASN A 250 2.78 3.75 -26.71
C ASN A 250 2.36 2.36 -27.21
N SER A 251 2.98 1.91 -28.30
CA SER A 251 2.63 0.65 -28.93
C SER A 251 2.82 -0.53 -27.98
N ILE A 252 3.89 -0.46 -27.19
CA ILE A 252 4.25 -1.53 -26.28
C ILE A 252 3.44 -1.46 -25.00
N ALA A 253 3.27 -0.25 -24.48
CA ALA A 253 2.47 -0.03 -23.28
C ALA A 253 1.00 -0.34 -23.57
N LYS A 254 0.55 0.04 -24.75
CA LYS A 254 -0.81 -0.28 -25.20
C LYS A 254 -0.99 -1.79 -25.26
N TYR A 255 0.05 -2.48 -25.73
CA TYR A 255 0.02 -3.94 -25.83
C TYR A 255 -0.07 -4.59 -24.45
N ASN A 256 0.81 -4.16 -23.55
CA ASN A 256 0.85 -4.70 -22.18
C ASN A 256 -0.49 -4.56 -21.45
N TYR A 257 -0.94 -3.32 -21.28
CA TYR A 257 -2.21 -3.05 -20.62
C TYR A 257 -2.99 -1.99 -21.40
N PRO A 258 -3.87 -2.43 -22.31
CA PRO A 258 -4.66 -1.53 -23.13
C PRO A 258 -5.70 -0.80 -22.28
N ASN A 259 -5.95 -1.36 -21.09
CA ASN A 259 -6.90 -0.79 -20.13
C ASN A 259 -6.62 0.68 -19.87
N GLY A 260 -5.34 1.04 -19.86
CA GLY A 260 -4.94 2.43 -19.78
C GLY A 260 -4.51 2.90 -18.41
N LYS A 261 -4.90 4.13 -18.09
CA LYS A 261 -4.47 4.81 -16.87
C LYS A 261 -2.98 5.14 -16.97
N PRO A 262 -2.66 6.18 -17.77
CA PRO A 262 -1.28 6.64 -17.95
C PRO A 262 -0.67 7.09 -16.63
N GLU A 263 0.64 6.86 -16.48
CA GLU A 263 1.34 7.24 -15.27
C GLU A 263 2.60 8.01 -15.61
N HIS A 264 3.12 8.73 -14.64
CA HIS A 264 4.35 9.51 -14.80
C HIS A 264 5.35 9.00 -13.77
N LEU A 265 6.36 8.26 -14.23
CA LEU A 265 7.22 7.52 -13.31
C LEU A 265 8.71 7.83 -13.40
N ASP A 266 9.14 8.41 -14.52
CA ASP A 266 10.55 8.75 -14.72
C ASP A 266 10.85 10.20 -14.30
N TYR A 267 11.88 10.38 -13.48
CA TYR A 267 12.29 11.71 -13.05
C TYR A 267 13.82 11.83 -13.02
N ILE A 268 14.31 13.04 -13.21
CA ILE A 268 15.65 13.36 -12.70
C ILE A 268 15.57 14.60 -11.80
N PHE A 269 16.22 14.53 -10.64
CA PHE A 269 16.13 15.58 -9.65
C PHE A 269 17.51 16.09 -9.27
N THR A 270 17.57 16.87 -8.20
CA THR A 270 18.82 17.24 -7.54
C THR A 270 18.58 17.26 -6.04
N ASP A 271 19.60 16.90 -5.28
CA ASP A 271 19.52 16.97 -3.82
C ASP A 271 19.27 18.41 -3.40
N LYS A 272 18.29 18.61 -2.52
CA LYS A 272 17.89 19.95 -2.10
C LYS A 272 18.97 20.63 -1.25
N ASP A 273 19.78 19.82 -0.57
CA ASP A 273 20.81 20.34 0.33
C ASP A 273 22.16 20.53 -0.36
N HIS A 274 22.17 20.38 -1.68
CA HIS A 274 23.38 20.59 -2.47
C HIS A 274 23.15 21.62 -3.57
N LYS A 275 24.22 21.99 -4.26
CA LYS A 275 24.17 23.03 -5.29
C LYS A 275 23.01 22.81 -6.23
N GLN A 276 22.14 23.80 -6.32
CA GLN A 276 20.90 23.69 -7.09
C GLN A 276 21.01 24.43 -8.42
N PRO A 277 20.63 23.75 -9.51
CA PRO A 277 20.60 24.32 -10.86
C PRO A 277 19.55 25.42 -10.98
N LYS A 278 19.75 26.35 -11.91
CA LYS A 278 18.85 27.49 -12.08
C LYS A 278 17.39 27.07 -12.20
N GLN A 279 17.05 26.50 -13.36
CA GLN A 279 15.67 26.15 -13.67
C GLN A 279 15.60 24.74 -14.24
N LEU A 280 15.75 23.75 -13.36
CA LEU A 280 15.76 22.36 -13.78
C LEU A 280 14.39 21.91 -14.26
N VAL A 281 14.32 21.33 -15.46
CA VAL A 281 13.06 20.82 -15.98
C VAL A 281 13.20 19.40 -16.52
N ASN A 282 12.17 18.59 -16.31
CA ASN A 282 12.05 17.29 -16.94
C ASN A 282 11.17 17.45 -18.17
N GLU A 283 11.69 17.09 -19.34
CA GLU A 283 10.84 17.06 -20.54
C GLU A 283 10.63 15.63 -20.99
N VAL A 284 9.37 15.24 -21.16
CA VAL A 284 9.06 13.91 -21.65
C VAL A 284 9.09 13.89 -23.18
N VAL A 285 9.94 13.04 -23.73
CA VAL A 285 10.13 12.93 -25.17
C VAL A 285 9.26 11.83 -25.74
N THR A 286 8.64 12.10 -26.90
CA THR A 286 7.72 11.15 -27.52
C THR A 286 8.24 10.68 -28.87
N GLU A 287 9.52 10.86 -29.11
CA GLU A 287 10.14 10.45 -30.37
C GLU A 287 9.92 8.97 -30.63
N LYS A 288 9.75 8.63 -31.90
CA LYS A 288 9.51 7.24 -32.30
C LYS A 288 10.35 6.83 -33.51
N PRO A 289 10.61 5.53 -33.64
CA PRO A 289 11.41 4.95 -34.72
C PRO A 289 10.51 4.47 -35.86
N LYS A 290 11.11 4.16 -36.99
CA LYS A 290 10.39 3.47 -38.06
C LYS A 290 9.93 2.12 -37.53
N PRO A 291 8.65 1.79 -37.74
CA PRO A 291 8.03 0.58 -37.20
C PRO A 291 8.89 -0.66 -37.39
N TRP A 292 9.09 -1.43 -36.32
CA TRP A 292 9.92 -2.63 -36.39
C TRP A 292 9.09 -3.91 -36.30
N ASP A 293 9.75 -5.04 -36.57
CA ASP A 293 9.10 -6.32 -36.60
C ASP A 293 9.60 -7.23 -35.49
N VAL A 294 8.67 -7.89 -34.80
CA VAL A 294 9.03 -8.97 -33.88
C VAL A 294 8.12 -10.17 -34.14
N ASP A 295 8.53 -11.00 -35.09
CA ASP A 295 7.77 -12.19 -35.48
C ASP A 295 6.42 -11.83 -36.10
N GLY A 296 6.44 -10.87 -37.01
CA GLY A 296 5.23 -10.45 -37.70
C GLY A 296 4.54 -9.27 -37.04
N TYR A 297 4.54 -9.26 -35.71
CA TYR A 297 3.88 -8.21 -34.94
C TYR A 297 4.66 -6.90 -34.98
N VAL A 298 3.96 -5.81 -35.29
CA VAL A 298 4.59 -4.51 -35.51
C VAL A 298 4.35 -3.52 -34.38
N TYR A 299 5.39 -2.78 -34.02
CA TYR A 299 5.30 -1.72 -33.02
C TYR A 299 6.17 -0.55 -33.46
N ASN A 300 6.18 0.53 -32.67
CA ASN A 300 6.98 1.71 -33.02
C ASN A 300 7.33 2.64 -31.86
N ASP A 301 7.94 2.08 -30.83
CA ASP A 301 8.40 2.86 -29.69
C ASP A 301 9.69 2.26 -29.17
N PHE A 302 10.67 3.10 -28.84
CA PHE A 302 11.95 2.62 -28.33
C PHE A 302 11.81 1.72 -27.10
N SER A 303 10.71 1.89 -26.37
CA SER A 303 10.44 1.14 -25.16
C SER A 303 8.99 1.39 -24.75
N ASP A 304 8.51 0.74 -23.69
CA ASP A 304 7.17 1.03 -23.20
C ASP A 304 7.15 2.30 -22.33
N HIS A 305 8.35 2.79 -22.03
CA HIS A 305 8.52 4.09 -21.37
C HIS A 305 9.06 5.13 -22.34
N TYR A 306 8.73 6.39 -22.09
CA TYR A 306 9.30 7.49 -22.85
C TYR A 306 10.50 8.04 -22.09
N PRO A 307 11.50 8.53 -22.83
CA PRO A 307 12.68 9.12 -22.20
C PRO A 307 12.33 10.48 -21.62
N ILE A 308 13.08 10.91 -20.60
CA ILE A 308 12.94 12.29 -20.13
C ILE A 308 14.25 13.03 -20.27
N LYS A 309 14.19 14.28 -20.73
CA LYS A 309 15.35 15.13 -20.77
C LYS A 309 15.39 15.99 -19.52
N ALA A 310 16.58 16.44 -19.13
CA ALA A 310 16.69 17.41 -18.05
C ALA A 310 17.71 18.48 -18.43
N TYR A 311 17.41 19.71 -18.05
CA TYR A 311 18.27 20.83 -18.39
C TYR A 311 17.80 22.06 -17.62
N SER A 312 18.72 22.97 -17.34
CA SER A 312 18.35 24.23 -16.73
C SER A 312 18.02 25.22 -17.83
N LYS A 313 17.06 26.11 -17.57
CA LYS A 313 16.63 27.08 -18.56
C LYS A 313 17.00 28.49 -18.14
N ASP B 29 18.97 -30.18 33.92
CA ASP B 29 18.26 -31.36 34.39
C ASP B 29 16.91 -31.46 33.71
N LEU B 30 16.88 -31.27 32.40
CA LEU B 30 15.65 -31.36 31.63
C LEU B 30 15.56 -32.66 30.82
N LYS B 31 14.33 -33.04 30.50
CA LYS B 31 14.08 -34.13 29.58
C LYS B 31 13.36 -33.54 28.38
N LEU B 32 14.11 -33.35 27.29
CA LEU B 32 13.54 -32.70 26.11
C LEU B 32 13.24 -33.68 25.00
N VAL B 33 12.48 -33.19 24.01
CA VAL B 33 12.29 -33.90 22.76
C VAL B 33 12.22 -32.88 21.63
N SER B 34 12.92 -33.15 20.53
CA SER B 34 12.83 -32.31 19.35
C SER B 34 12.42 -33.17 18.16
N HIS B 35 11.21 -32.95 17.67
CA HIS B 35 10.75 -33.66 16.49
C HIS B 35 10.46 -32.70 15.35
N ASN B 36 11.02 -32.99 14.18
CA ASN B 36 10.56 -32.36 12.96
C ASN B 36 9.30 -33.11 12.53
N VAL B 37 8.13 -32.51 12.75
CA VAL B 37 6.87 -33.22 12.57
C VAL B 37 6.39 -33.27 11.12
N TYR B 38 7.02 -32.49 10.25
CA TYR B 38 6.74 -32.57 8.81
C TYR B 38 5.29 -32.20 8.49
N MET B 39 4.84 -31.06 9.01
CA MET B 39 3.51 -30.55 8.73
C MET B 39 3.53 -29.51 7.62
N LEU B 40 3.90 -29.92 6.41
CA LEU B 40 3.84 -29.01 5.27
C LEU B 40 2.41 -28.50 5.09
N SER B 41 2.25 -27.35 4.45
CA SER B 41 0.93 -26.76 4.26
C SER B 41 -0.02 -27.68 3.53
N THR B 42 -1.18 -27.96 4.11
CA THR B 42 -2.17 -28.83 3.48
C THR B 42 -2.84 -28.14 2.29
N VAL B 43 -2.52 -26.87 2.09
CA VAL B 43 -3.03 -26.14 0.93
C VAL B 43 -2.12 -26.36 -0.26
N LEU B 44 -0.81 -26.31 -0.01
CA LEU B 44 0.18 -26.41 -1.08
C LEU B 44 0.77 -27.81 -1.23
N TYR B 45 0.53 -28.67 -0.24
CA TYR B 45 0.98 -30.06 -0.27
C TYR B 45 -0.03 -30.92 0.49
N PRO B 46 -1.26 -31.01 -0.04
CA PRO B 46 -2.46 -31.52 0.66
C PRO B 46 -2.40 -32.99 1.09
N ASN B 47 -1.54 -33.78 0.46
CA ASN B 47 -1.56 -35.23 0.70
C ASN B 47 -0.31 -35.77 1.40
N TRP B 48 -0.17 -35.44 2.68
CA TRP B 48 0.92 -35.99 3.48
C TRP B 48 0.42 -36.52 4.81
N GLY B 49 -0.90 -36.48 5.01
CA GLY B 49 -1.51 -36.99 6.22
C GLY B 49 -1.14 -36.20 7.45
N GLN B 50 -1.10 -34.88 7.31
CA GLN B 50 -0.71 -33.98 8.38
C GLN B 50 -1.61 -34.14 9.61
N TYR B 51 -2.92 -34.21 9.37
CA TYR B 51 -3.89 -34.31 10.45
C TYR B 51 -3.86 -35.68 11.12
N LYS B 52 -3.79 -36.72 10.30
CA LYS B 52 -3.68 -38.08 10.81
C LYS B 52 -2.48 -38.17 11.75
N ARG B 53 -1.32 -37.75 11.25
CA ARG B 53 -0.07 -37.83 11.99
C ARG B 53 -0.06 -37.00 13.27
N ALA B 54 -0.76 -35.87 13.27
CA ALA B 54 -0.86 -35.05 14.47
C ALA B 54 -1.50 -35.87 15.57
N ASP B 55 -2.43 -36.74 15.18
CA ASP B 55 -3.08 -37.63 16.12
C ASP B 55 -2.14 -38.74 16.56
N LEU B 56 -1.48 -39.37 15.60
CA LEU B 56 -0.50 -40.42 15.89
C LEU B 56 0.54 -39.91 16.88
N ILE B 57 1.09 -38.74 16.59
CA ILE B 57 2.11 -38.12 17.45
C ILE B 57 1.57 -37.85 18.84
N GLY B 58 0.33 -37.39 18.92
CA GLY B 58 -0.31 -37.13 20.20
C GLY B 58 -0.50 -38.38 21.02
N GLN B 59 -0.84 -39.48 20.36
CA GLN B 59 -1.10 -40.75 21.03
C GLN B 59 0.16 -41.60 21.17
N SER B 60 1.32 -40.99 20.91
CA SER B 60 2.57 -41.74 20.93
C SER B 60 3.16 -41.87 22.32
N SER B 61 4.29 -42.57 22.42
CA SER B 61 4.93 -42.84 23.70
C SER B 61 6.13 -41.94 23.96
N TYR B 62 6.66 -41.33 22.91
CA TYR B 62 7.88 -40.53 23.04
C TYR B 62 7.59 -39.09 23.48
N ILE B 63 6.45 -38.54 23.09
CA ILE B 63 6.08 -37.19 23.52
C ILE B 63 5.71 -37.15 24.99
N LYS B 64 5.56 -38.33 25.60
CA LYS B 64 5.08 -38.39 26.97
C LYS B 64 6.18 -38.55 28.01
N ASN B 65 5.91 -38.03 29.20
CA ASN B 65 6.88 -37.98 30.30
C ASN B 65 8.18 -37.26 29.93
N ASN B 66 8.05 -36.13 29.26
CA ASN B 66 9.16 -35.19 29.09
C ASN B 66 8.83 -33.89 29.80
N ASP B 67 9.75 -32.94 29.76
CA ASP B 67 9.53 -31.63 30.38
C ASP B 67 9.22 -30.57 29.33
N VAL B 68 9.97 -30.60 28.23
CA VAL B 68 9.79 -29.63 27.16
C VAL B 68 9.86 -30.31 25.79
N VAL B 69 8.99 -29.89 24.89
CA VAL B 69 8.96 -30.47 23.55
C VAL B 69 9.09 -29.39 22.48
N ILE B 70 10.03 -29.59 21.57
CA ILE B 70 10.27 -28.64 20.48
C ILE B 70 9.83 -29.24 19.14
N PHE B 71 8.85 -28.61 18.50
CA PHE B 71 8.36 -29.07 17.21
C PHE B 71 9.00 -28.32 16.05
N ASN B 72 9.13 -28.99 14.91
CA ASN B 72 9.67 -28.38 13.71
C ASN B 72 8.80 -28.64 12.48
N GLU B 73 8.85 -27.71 11.53
CA GLU B 73 8.07 -27.83 10.31
C GLU B 73 6.59 -28.02 10.57
N ALA B 74 6.11 -27.45 11.68
CA ALA B 74 4.67 -27.42 11.95
C ALA B 74 4.05 -26.26 11.19
N PHE B 75 4.26 -26.23 9.89
CA PHE B 75 3.86 -25.11 9.05
C PHE B 75 2.36 -24.99 8.90
N ASP B 76 1.69 -26.10 8.59
CA ASP B 76 0.25 -26.10 8.42
C ASP B 76 -0.47 -25.66 9.69
N ASN B 77 -1.22 -24.57 9.60
CA ASN B 77 -1.89 -24.00 10.76
C ASN B 77 -2.88 -24.98 11.40
N GLY B 78 -3.65 -25.66 10.58
CA GLY B 78 -4.65 -26.59 11.07
C GLY B 78 -4.07 -27.75 11.86
N ALA B 79 -3.27 -28.58 11.19
CA ALA B 79 -2.69 -29.76 11.80
C ALA B 79 -1.81 -29.43 13.01
N SER B 80 -1.10 -28.31 12.94
CA SER B 80 -0.23 -27.90 14.03
C SER B 80 -1.04 -27.48 15.25
N ASP B 81 -2.22 -26.92 15.01
CA ASP B 81 -3.12 -26.55 16.11
C ASP B 81 -3.66 -27.81 16.80
N LYS B 82 -3.87 -28.86 16.02
CA LYS B 82 -4.34 -30.14 16.56
C LYS B 82 -3.21 -30.81 17.32
N LEU B 83 -2.01 -30.78 16.75
CA LEU B 83 -0.83 -31.33 17.41
C LEU B 83 -0.67 -30.69 18.79
N LEU B 84 -0.71 -29.36 18.81
CA LEU B 84 -0.55 -28.60 20.04
C LEU B 84 -1.63 -28.90 21.09
N SER B 85 -2.87 -29.08 20.66
CA SER B 85 -3.96 -29.36 21.60
C SER B 85 -4.09 -30.85 21.93
N ASN B 86 -3.42 -31.70 21.15
CA ASN B 86 -3.30 -33.11 21.47
C ASN B 86 -2.32 -33.27 22.64
N VAL B 87 -1.53 -32.23 22.85
CA VAL B 87 -0.44 -32.24 23.80
C VAL B 87 -0.75 -31.33 24.98
N LYS B 88 -1.79 -30.51 24.81
CA LYS B 88 -2.15 -29.44 25.73
C LYS B 88 -2.20 -29.83 27.20
N LYS B 89 -2.70 -31.03 27.49
CA LYS B 89 -2.82 -31.47 28.88
C LYS B 89 -1.46 -31.71 29.52
N GLU B 90 -0.66 -32.58 28.91
CA GLU B 90 0.65 -32.93 29.46
C GLU B 90 1.61 -31.75 29.43
N TYR B 91 1.51 -30.93 28.38
CA TYR B 91 2.33 -29.74 28.25
C TYR B 91 1.46 -28.50 28.10
N PRO B 92 0.96 -27.99 29.23
CA PRO B 92 -0.02 -26.89 29.29
C PRO B 92 0.54 -25.57 28.78
N TYR B 93 1.80 -25.31 29.08
CA TYR B 93 2.42 -24.03 28.75
C TYR B 93 3.08 -24.08 27.38
N GLN B 94 2.47 -23.39 26.42
CA GLN B 94 2.91 -23.45 25.04
C GLN B 94 3.13 -22.06 24.47
N THR B 95 3.93 -21.99 23.41
CA THR B 95 4.14 -20.75 22.68
C THR B 95 3.36 -20.82 21.37
N PRO B 96 3.18 -19.68 20.70
CA PRO B 96 2.63 -19.72 19.34
C PRO B 96 3.61 -20.43 18.40
N VAL B 97 3.28 -20.54 17.13
CA VAL B 97 4.23 -21.03 16.14
C VAL B 97 5.05 -19.85 15.61
N LEU B 98 6.36 -19.97 15.69
CA LEU B 98 7.28 -18.97 15.18
C LEU B 98 6.87 -18.50 13.79
N GLY B 99 6.81 -17.19 13.61
CA GLY B 99 6.53 -16.59 12.31
C GLY B 99 5.05 -16.47 11.97
N ARG B 100 4.22 -17.17 12.72
CA ARG B 100 2.78 -17.20 12.46
C ARG B 100 2.15 -15.82 12.66
N SER B 101 2.22 -15.31 13.88
CA SER B 101 1.66 -14.00 14.18
C SER B 101 2.62 -13.18 15.05
N GLN B 102 2.24 -11.93 15.28
CA GLN B 102 3.05 -11.00 16.06
C GLN B 102 2.46 -10.89 17.47
N SER B 103 1.25 -11.41 17.62
CA SER B 103 0.54 -11.39 18.89
C SER B 103 0.74 -12.72 19.62
N GLY B 104 0.88 -12.64 20.94
CA GLY B 104 1.10 -13.83 21.76
C GLY B 104 2.54 -14.01 22.16
N TRP B 105 3.38 -13.06 21.76
CA TRP B 105 4.79 -13.08 22.11
C TRP B 105 5.11 -11.88 23.02
N ASP B 106 6.07 -12.07 23.93
CA ASP B 106 6.53 -11.00 24.81
C ASP B 106 7.34 -9.99 24.00
N LYS B 107 7.97 -10.48 22.94
CA LYS B 107 8.85 -9.68 22.12
C LYS B 107 9.00 -10.35 20.75
N THR B 108 9.21 -9.54 19.71
CA THR B 108 9.42 -10.07 18.37
C THR B 108 10.64 -9.41 17.74
N GLU B 109 11.68 -10.21 17.49
CA GLU B 109 12.93 -9.69 16.93
C GLU B 109 13.14 -10.17 15.51
N GLY B 110 14.20 -9.68 14.88
CA GLY B 110 14.62 -10.16 13.59
C GLY B 110 13.89 -9.51 12.42
N SER B 111 13.84 -10.23 11.31
CA SER B 111 13.21 -9.72 10.09
C SER B 111 11.83 -10.32 9.88
N TYR B 112 10.96 -10.15 10.86
CA TYR B 112 9.57 -10.58 10.73
C TYR B 112 8.87 -9.77 9.64
N SER B 113 8.04 -10.43 8.85
CA SER B 113 7.25 -9.75 7.84
C SER B 113 5.88 -10.41 7.68
N SER B 114 4.87 -9.61 7.35
CA SER B 114 3.50 -10.10 7.23
C SER B 114 3.10 -10.25 5.77
N THR B 115 4.10 -10.47 4.92
CA THR B 115 3.88 -10.55 3.48
C THR B 115 4.44 -11.85 2.94
N VAL B 116 4.62 -12.82 3.83
CA VAL B 116 5.32 -14.05 3.50
C VAL B 116 4.37 -15.25 3.46
N ALA B 117 4.67 -16.22 2.60
CA ALA B 117 3.79 -17.35 2.35
C ALA B 117 3.65 -18.30 3.55
N GLU B 118 4.73 -18.53 4.28
CA GLU B 118 4.71 -19.47 5.40
C GLU B 118 5.41 -18.94 6.64
N ASP B 119 5.11 -19.52 7.80
CA ASP B 119 5.75 -19.13 9.05
C ASP B 119 7.11 -19.80 9.22
N GLY B 120 7.50 -20.05 10.47
CA GLY B 120 8.78 -20.65 10.77
C GLY B 120 8.70 -22.11 11.19
N GLY B 121 7.50 -22.54 11.59
CA GLY B 121 7.25 -23.93 11.92
C GLY B 121 7.66 -24.35 13.31
N VAL B 122 8.29 -23.45 14.07
CA VAL B 122 8.83 -23.79 15.38
C VAL B 122 7.90 -23.41 16.54
N ALA B 123 7.68 -24.37 17.44
CA ALA B 123 6.86 -24.14 18.62
C ALA B 123 7.41 -24.93 19.79
N ILE B 124 7.35 -24.35 20.99
CA ILE B 124 7.82 -25.05 22.18
C ILE B 124 6.68 -25.23 23.19
N VAL B 125 6.56 -26.43 23.74
CA VAL B 125 5.57 -26.71 24.77
C VAL B 125 6.27 -27.22 26.02
N SER B 126 5.58 -27.17 27.15
CA SER B 126 6.23 -27.40 28.43
C SER B 126 5.27 -27.83 29.53
N LYS B 127 5.74 -28.71 30.42
CA LYS B 127 5.02 -29.06 31.63
C LYS B 127 5.05 -27.90 32.61
N TYR B 128 6.07 -27.05 32.46
CA TYR B 128 6.35 -26.00 33.43
C TYR B 128 6.12 -24.59 32.87
N PRO B 129 5.79 -23.65 33.76
CA PRO B 129 5.45 -22.26 33.43
C PRO B 129 6.46 -21.60 32.50
N ILE B 130 5.97 -21.01 31.42
CA ILE B 130 6.80 -20.20 30.52
C ILE B 130 6.68 -18.74 30.91
N LYS B 131 7.78 -18.15 31.38
CA LYS B 131 7.75 -16.80 31.93
C LYS B 131 8.25 -15.76 30.93
N GLU B 132 8.54 -16.20 29.72
CA GLU B 132 8.95 -15.30 28.65
C GLU B 132 9.10 -16.05 27.34
N LYS B 133 8.66 -15.41 26.26
CA LYS B 133 8.82 -15.98 24.92
C LYS B 133 9.07 -14.92 23.88
N ILE B 134 10.29 -14.91 23.34
CA ILE B 134 10.64 -14.05 22.23
C ILE B 134 10.70 -14.91 20.98
N GLN B 135 10.31 -14.34 19.85
CA GLN B 135 10.54 -15.01 18.58
C GLN B 135 11.53 -14.17 17.79
N HIS B 136 12.41 -14.84 17.07
CA HIS B 136 13.38 -14.15 16.25
C HIS B 136 13.41 -14.80 14.87
N VAL B 137 13.23 -14.00 13.84
CA VAL B 137 13.30 -14.48 12.47
C VAL B 137 14.66 -14.13 11.88
N PHE B 138 15.24 -15.07 11.13
CA PHE B 138 16.55 -14.85 10.53
C PHE B 138 16.47 -13.78 9.44
N LYS B 139 17.55 -13.03 9.27
CA LYS B 139 17.64 -12.04 8.20
C LYS B 139 17.81 -12.71 6.85
N SER B 140 18.55 -13.81 6.83
CA SER B 140 18.91 -14.48 5.59
C SER B 140 18.12 -15.77 5.33
N GLY B 141 17.91 -16.06 4.05
CA GLY B 141 17.21 -17.26 3.63
C GLY B 141 17.17 -17.33 2.10
N CYS B 142 17.30 -18.53 1.55
CA CYS B 142 17.26 -18.72 0.10
C CYS B 142 16.30 -19.85 -0.28
N GLY B 143 15.91 -19.88 -1.54
CA GLY B 143 14.98 -20.88 -2.02
C GLY B 143 13.60 -20.72 -1.39
N PHE B 144 13.02 -21.84 -0.96
CA PHE B 144 11.72 -21.82 -0.32
C PHE B 144 11.77 -21.13 1.04
N ASP B 145 12.87 -21.32 1.76
CA ASP B 145 13.04 -20.73 3.08
C ASP B 145 13.09 -19.21 2.99
N ASN B 146 13.25 -18.70 1.78
CA ASN B 146 13.24 -17.27 1.53
C ASN B 146 11.83 -16.72 1.70
N ASP B 147 10.84 -17.52 1.33
CA ASP B 147 9.44 -17.13 1.49
C ASP B 147 8.84 -17.75 2.74
N SER B 148 9.62 -17.77 3.82
CA SER B 148 9.15 -18.26 5.11
C SER B 148 9.59 -17.30 6.20
N ASN B 149 9.06 -17.49 7.41
CA ASN B 149 9.50 -16.73 8.57
C ASN B 149 10.33 -17.60 9.50
N LYS B 150 11.28 -18.34 8.93
CA LYS B 150 12.11 -19.23 9.72
C LYS B 150 13.06 -18.43 10.62
N GLY B 151 13.28 -18.96 11.81
CA GLY B 151 14.10 -18.32 12.82
C GLY B 151 14.05 -19.20 14.05
N PHE B 152 14.33 -18.63 15.22
CA PHE B 152 14.28 -19.43 16.45
C PHE B 152 13.26 -18.90 17.46
N VAL B 153 12.98 -19.71 18.46
CA VAL B 153 12.02 -19.39 19.49
C VAL B 153 12.71 -19.48 20.84
N TYR B 154 12.98 -18.32 21.44
CA TYR B 154 13.53 -18.31 22.78
C TYR B 154 12.43 -18.55 23.80
N THR B 155 12.77 -19.25 24.87
CA THR B 155 11.81 -19.52 25.93
C THR B 155 12.52 -19.50 27.28
N LYS B 156 11.82 -19.03 28.31
CA LYS B 156 12.40 -18.98 29.64
C LYS B 156 11.43 -19.61 30.63
N ILE B 157 11.48 -20.93 30.73
CA ILE B 157 10.57 -21.63 31.62
C ILE B 157 11.13 -21.63 33.04
N GLU B 158 10.26 -21.85 34.02
CA GLU B 158 10.68 -21.90 35.42
C GLU B 158 10.26 -23.20 36.08
N LYS B 159 11.24 -24.08 36.31
CA LYS B 159 11.00 -25.36 36.94
C LYS B 159 11.49 -25.36 38.37
N ASN B 160 10.56 -25.51 39.31
CA ASN B 160 10.88 -25.57 40.73
C ASN B 160 11.59 -24.32 41.26
N GLY B 161 11.16 -23.15 40.79
CA GLY B 161 11.74 -21.90 41.24
C GLY B 161 13.07 -21.58 40.60
N LYS B 162 13.56 -22.48 39.76
CA LYS B 162 14.80 -22.27 39.04
C LYS B 162 14.51 -21.91 37.58
N ASN B 163 15.31 -21.00 37.02
CA ASN B 163 15.12 -20.59 35.63
C ASN B 163 15.90 -21.44 34.63
N VAL B 164 15.19 -21.99 33.65
CA VAL B 164 15.82 -22.75 32.58
C VAL B 164 15.45 -22.13 31.23
N HIS B 165 16.41 -22.06 30.33
CA HIS B 165 16.21 -21.38 29.06
C HIS B 165 16.30 -22.36 27.89
N VAL B 166 15.30 -22.32 27.02
CA VAL B 166 15.22 -23.28 25.92
C VAL B 166 14.97 -22.60 24.58
N ILE B 167 15.85 -22.87 23.62
CA ILE B 167 15.74 -22.30 22.29
C ILE B 167 15.47 -23.38 21.26
N GLY B 168 14.41 -23.19 20.48
CA GLY B 168 14.10 -24.12 19.40
C GLY B 168 14.30 -23.43 18.07
N THR B 169 14.92 -24.12 17.13
CA THR B 169 15.21 -23.50 15.85
C THR B 169 15.08 -24.48 14.69
N HIS B 170 15.30 -23.96 13.48
CA HIS B 170 15.17 -24.75 12.27
C HIS B 170 15.81 -23.92 11.16
N THR B 171 17.04 -24.27 10.82
CA THR B 171 17.85 -23.45 9.91
C THR B 171 17.61 -23.77 8.44
N GLN B 172 18.30 -23.02 7.58
CA GLN B 172 18.24 -23.19 6.14
C GLN B 172 18.48 -24.64 5.72
N SER B 173 17.56 -25.19 4.95
CA SER B 173 17.69 -26.55 4.46
C SER B 173 18.37 -26.59 3.10
N GLU B 174 18.91 -27.76 2.74
CA GLU B 174 19.57 -27.95 1.45
C GLU B 174 18.59 -27.72 0.30
N ASP B 175 18.74 -26.60 -0.39
CA ASP B 175 17.89 -26.31 -1.54
C ASP B 175 18.69 -26.49 -2.82
N SER B 176 18.28 -27.49 -3.61
CA SER B 176 18.95 -27.81 -4.86
C SER B 176 18.92 -26.63 -5.83
N ARG B 177 17.95 -25.75 -5.64
CA ARG B 177 17.82 -24.57 -6.48
C ARG B 177 18.01 -23.27 -5.71
N CYS B 178 19.24 -23.04 -5.24
CA CYS B 178 19.63 -21.76 -4.65
C CYS B 178 21.14 -21.72 -4.39
N GLY B 179 21.82 -20.78 -5.04
CA GLY B 179 23.26 -20.60 -4.86
C GLY B 179 24.08 -21.86 -5.12
N ALA B 180 25.33 -21.82 -4.72
CA ALA B 180 26.22 -22.98 -4.81
C ALA B 180 26.32 -23.65 -3.45
N GLY B 181 27.10 -23.04 -2.56
CA GLY B 181 27.18 -23.49 -1.18
C GLY B 181 26.57 -22.44 -0.27
N HIS B 182 25.66 -21.64 -0.83
CA HIS B 182 25.07 -20.54 -0.08
C HIS B 182 24.22 -21.00 1.09
N ASP B 183 23.57 -22.14 0.95
CA ASP B 183 22.80 -22.70 2.07
C ASP B 183 23.70 -22.89 3.28
N ARG B 184 24.96 -23.28 3.05
CA ARG B 184 25.91 -23.48 4.12
C ARG B 184 26.31 -22.15 4.76
N LYS B 185 26.56 -21.15 3.92
CA LYS B 185 26.95 -19.82 4.40
C LYS B 185 25.81 -19.13 5.14
N ILE B 186 24.58 -19.40 4.70
CA ILE B 186 23.40 -18.85 5.34
C ILE B 186 23.19 -19.47 6.72
N ARG B 187 23.31 -20.79 6.80
CA ARG B 187 23.21 -21.48 8.08
C ARG B 187 24.21 -20.93 9.07
N ALA B 188 25.39 -20.58 8.57
CA ALA B 188 26.44 -19.99 9.41
C ALA B 188 25.93 -18.69 10.02
N GLU B 189 25.39 -17.83 9.17
CA GLU B 189 24.85 -16.54 9.63
C GLU B 189 23.73 -16.76 10.65
N GLN B 190 22.81 -17.68 10.33
CA GLN B 190 21.68 -17.96 11.19
C GLN B 190 22.09 -18.43 12.59
N MET B 191 22.95 -19.44 12.63
CA MET B 191 23.45 -19.94 13.90
C MET B 191 24.20 -18.85 14.65
N LYS B 192 24.77 -17.91 13.90
CA LYS B 192 25.48 -16.78 14.49
C LYS B 192 24.48 -15.86 15.18
N GLU B 193 23.34 -15.66 14.53
CA GLU B 193 22.26 -14.83 15.12
C GLU B 193 21.78 -15.41 16.43
N ILE B 194 21.78 -16.73 16.54
CA ILE B 194 21.35 -17.40 17.76
C ILE B 194 22.33 -17.18 18.89
N SER B 195 23.61 -17.44 18.62
CA SER B 195 24.66 -17.29 19.62
C SER B 195 24.80 -15.83 20.05
N ASP B 196 24.61 -14.91 19.11
CA ASP B 196 24.66 -13.49 19.41
C ASP B 196 23.47 -13.11 20.28
N PHE B 197 22.33 -13.75 20.02
CA PHE B 197 21.13 -13.50 20.77
C PHE B 197 21.29 -13.88 22.24
N VAL B 198 22.04 -14.95 22.48
CA VAL B 198 22.20 -15.48 23.82
C VAL B 198 23.19 -14.65 24.65
N LYS B 199 24.23 -14.14 24.00
CA LYS B 199 25.22 -13.32 24.70
C LYS B 199 24.66 -11.94 25.04
N LYS B 200 23.80 -11.42 24.16
CA LYS B 200 23.20 -10.10 24.37
C LYS B 200 22.12 -10.15 25.46
N LYS B 201 21.78 -11.37 25.87
CA LYS B 201 20.67 -11.59 26.79
C LYS B 201 21.13 -11.57 28.25
N ASN B 202 22.44 -11.49 28.47
CA ASN B 202 23.01 -11.46 29.81
C ASN B 202 22.44 -12.51 30.75
N ILE B 203 22.24 -13.72 30.23
CA ILE B 203 21.70 -14.82 31.03
C ILE B 203 22.74 -15.33 32.01
N PRO B 204 22.37 -15.43 33.29
CA PRO B 204 23.25 -15.91 34.36
C PRO B 204 24.00 -17.17 33.96
N LYS B 205 25.27 -17.27 34.36
CA LYS B 205 26.09 -18.42 34.02
C LYS B 205 25.72 -19.67 34.80
N ASP B 206 24.94 -19.51 35.86
CA ASP B 206 24.50 -20.65 36.66
C ASP B 206 23.19 -21.24 36.17
N GLU B 207 22.76 -20.82 34.97
CA GLU B 207 21.52 -21.32 34.38
C GLU B 207 21.78 -21.92 33.00
N THR B 208 21.16 -23.05 32.73
CA THR B 208 21.40 -23.78 31.48
C THR B 208 20.59 -23.23 30.32
N VAL B 209 21.19 -23.22 29.13
CA VAL B 209 20.50 -22.75 27.93
C VAL B 209 20.55 -23.81 26.83
N TYR B 210 19.47 -24.57 26.69
CA TYR B 210 19.40 -25.61 25.67
C TYR B 210 19.16 -24.99 24.29
N ILE B 211 19.63 -25.67 23.25
CA ILE B 211 19.46 -25.20 21.88
C ILE B 211 19.26 -26.39 20.95
N GLY B 212 18.03 -26.57 20.48
CA GLY B 212 17.72 -27.74 19.69
C GLY B 212 16.96 -27.44 18.41
N GLY B 213 16.58 -28.51 17.71
CA GLY B 213 15.83 -28.38 16.47
C GLY B 213 16.57 -29.00 15.30
N ASP B 214 16.04 -28.79 14.10
CA ASP B 214 16.64 -29.28 12.88
C ASP B 214 17.69 -28.28 12.38
N LEU B 215 18.95 -28.55 12.67
CA LEU B 215 20.03 -27.64 12.31
C LEU B 215 20.52 -27.88 10.88
N ASN B 216 19.97 -28.89 10.24
CA ASN B 216 20.30 -29.21 8.85
C ASN B 216 21.80 -29.32 8.60
N VAL B 217 22.51 -29.90 9.57
CA VAL B 217 23.94 -30.15 9.45
C VAL B 217 24.21 -31.61 9.80
N ASN B 218 24.67 -32.38 8.81
CA ASN B 218 24.96 -33.80 9.02
C ASN B 218 26.10 -34.02 10.01
N LYS B 219 25.86 -34.85 11.02
CA LYS B 219 26.83 -35.06 12.10
C LYS B 219 28.19 -35.49 11.57
N GLY B 220 29.25 -35.03 12.25
CA GLY B 220 30.60 -35.39 11.89
C GLY B 220 30.97 -35.00 10.47
N THR B 221 30.78 -33.73 10.14
CA THR B 221 31.27 -33.19 8.87
C THR B 221 31.98 -31.88 9.16
N PRO B 222 32.82 -31.42 8.23
CA PRO B 222 33.54 -30.16 8.43
C PRO B 222 32.59 -29.02 8.80
N GLU B 223 31.38 -29.04 8.27
CA GLU B 223 30.37 -28.03 8.59
C GLU B 223 29.86 -28.22 10.02
N PHE B 224 29.78 -29.47 10.47
CA PHE B 224 29.35 -29.77 11.82
C PHE B 224 30.31 -29.16 12.83
N LYS B 225 31.60 -29.17 12.50
CA LYS B 225 32.61 -28.53 13.34
C LYS B 225 32.36 -27.04 13.44
N ASP B 226 32.00 -26.43 12.31
CA ASP B 226 31.72 -25.01 12.25
C ASP B 226 30.45 -24.69 13.04
N MET B 227 29.48 -25.58 12.97
CA MET B 227 28.20 -25.38 13.65
C MET B 227 28.38 -25.28 15.16
N LEU B 228 29.24 -26.13 15.70
CA LEU B 228 29.51 -26.15 17.13
C LEU B 228 30.09 -24.82 17.61
N LYS B 229 30.94 -24.23 16.79
CA LYS B 229 31.60 -22.97 17.15
C LYS B 229 30.70 -21.77 16.91
N ASN B 230 29.87 -21.85 15.87
CA ASN B 230 28.92 -20.81 15.56
C ASN B 230 27.79 -20.75 16.59
N LEU B 231 27.26 -21.91 16.94
CA LEU B 231 26.23 -22.00 17.99
C LEU B 231 26.83 -21.82 19.38
N ASN B 232 28.15 -21.79 19.46
CA ASN B 232 28.86 -21.74 20.73
C ASN B 232 28.45 -22.88 21.64
N VAL B 233 28.63 -24.10 21.15
CA VAL B 233 28.05 -25.28 21.76
C VAL B 233 29.02 -26.46 21.83
N ASN B 234 28.97 -27.22 22.92
CA ASN B 234 29.76 -28.45 23.06
C ASN B 234 29.07 -29.60 22.36
N ASP B 235 29.82 -30.65 22.03
CA ASP B 235 29.19 -31.82 21.44
C ASP B 235 28.50 -32.65 22.51
N VAL B 236 27.80 -33.69 22.05
CA VAL B 236 26.93 -34.49 22.91
C VAL B 236 27.22 -35.97 22.72
N LEU B 237 27.05 -36.76 23.78
CA LEU B 237 27.07 -38.21 23.63
C LEU B 237 25.78 -38.65 22.95
N TYR B 238 25.90 -39.50 21.95
CA TYR B 238 24.72 -39.95 21.23
C TYR B 238 24.28 -41.35 21.61
N ALA B 239 22.98 -41.61 21.56
CA ALA B 239 22.45 -42.92 21.85
C ALA B 239 21.38 -43.32 20.82
N GLY B 240 21.14 -44.62 20.70
CA GLY B 240 20.09 -45.12 19.84
C GLY B 240 20.49 -45.32 18.39
N HIS B 241 19.87 -44.53 17.53
CA HIS B 241 20.00 -44.68 16.09
C HIS B 241 20.93 -43.59 15.56
N ASN B 242 21.85 -43.93 14.66
CA ASN B 242 22.83 -42.96 14.17
C ASN B 242 22.37 -42.16 12.95
N SER B 243 21.05 -42.13 12.76
CA SER B 243 20.45 -41.39 11.67
C SER B 243 19.20 -40.66 12.15
N THR B 244 18.93 -39.50 11.57
CA THR B 244 17.75 -38.72 11.91
C THR B 244 16.75 -38.68 10.74
N TRP B 245 17.29 -38.61 9.54
CA TRP B 245 16.50 -38.75 8.33
C TRP B 245 17.02 -40.00 7.62
N ASP B 246 16.26 -41.09 7.71
CA ASP B 246 16.74 -42.41 7.29
C ASP B 246 15.82 -43.11 6.29
N PRO B 247 16.16 -43.02 4.99
CA PRO B 247 15.38 -43.61 3.90
C PRO B 247 15.49 -45.14 3.82
N GLN B 248 16.10 -45.77 4.81
CA GLN B 248 16.18 -47.23 4.84
C GLN B 248 15.11 -47.80 5.77
N SER B 249 14.72 -46.99 6.75
CA SER B 249 13.76 -47.44 7.75
C SER B 249 12.50 -46.55 7.82
N ASN B 250 12.59 -45.34 7.27
CA ASN B 250 11.46 -44.42 7.30
C ASN B 250 10.59 -44.49 6.05
N SER B 251 9.30 -44.78 6.24
CA SER B 251 8.35 -44.97 5.15
C SER B 251 8.24 -43.73 4.29
N ILE B 252 8.26 -42.58 4.95
CA ILE B 252 8.09 -41.30 4.29
C ILE B 252 9.39 -40.83 3.64
N ALA B 253 10.50 -41.00 4.36
CA ALA B 253 11.81 -40.64 3.85
C ALA B 253 12.19 -41.56 2.69
N LYS B 254 11.84 -42.84 2.83
CA LYS B 254 12.04 -43.81 1.75
C LYS B 254 11.26 -43.38 0.52
N TYR B 255 10.04 -42.89 0.74
CA TYR B 255 9.19 -42.43 -0.36
C TYR B 255 9.79 -41.22 -1.06
N ASN B 256 10.18 -40.21 -0.28
CA ASN B 256 10.78 -38.99 -0.81
C ASN B 256 12.01 -39.25 -1.68
N TYR B 257 13.03 -39.84 -1.08
CA TYR B 257 14.26 -40.18 -1.79
C TYR B 257 14.72 -41.58 -1.42
N PRO B 258 14.32 -42.58 -2.22
CA PRO B 258 14.67 -43.98 -1.97
C PRO B 258 16.16 -44.20 -2.21
N ASN B 259 16.77 -43.26 -2.93
CA ASN B 259 18.18 -43.29 -3.25
C ASN B 259 19.04 -43.49 -2.01
N GLY B 260 18.60 -42.89 -0.90
CA GLY B 260 19.22 -43.14 0.39
C GLY B 260 20.18 -42.06 0.85
N LYS B 261 21.27 -42.51 1.47
CA LYS B 261 22.24 -41.62 2.12
C LYS B 261 21.61 -40.99 3.36
N PRO B 262 21.49 -41.79 4.43
CA PRO B 262 20.94 -41.32 5.71
C PRO B 262 21.74 -40.17 6.28
N GLU B 263 21.06 -39.24 6.95
CA GLU B 263 21.72 -38.09 7.54
C GLU B 263 21.28 -37.93 8.99
N HIS B 264 22.07 -37.18 9.75
CA HIS B 264 21.78 -36.91 11.15
C HIS B 264 21.67 -35.41 11.31
N LEU B 265 20.45 -34.90 11.48
CA LEU B 265 20.23 -33.46 11.38
C LEU B 265 19.59 -32.81 12.60
N ASP B 266 18.95 -33.62 13.45
CA ASP B 266 18.30 -33.10 14.65
C ASP B 266 19.23 -33.15 15.88
N TYR B 267 19.34 -32.04 16.60
CA TYR B 267 20.15 -31.99 17.80
C TYR B 267 19.48 -31.16 18.89
N ILE B 268 19.77 -31.48 20.14
CA ILE B 268 19.62 -30.46 21.19
C ILE B 268 20.95 -30.32 21.95
N PHE B 269 21.34 -29.07 22.19
CA PHE B 269 22.64 -28.78 22.80
C PHE B 269 22.47 -27.92 24.03
N THR B 270 23.60 -27.39 24.52
CA THR B 270 23.60 -26.35 25.53
C THR B 270 24.73 -25.38 25.21
N ASP B 271 24.53 -24.11 25.52
CA ASP B 271 25.57 -23.10 25.34
C ASP B 271 26.78 -23.47 26.19
N LYS B 272 27.96 -23.45 25.58
CA LYS B 272 29.18 -23.86 26.27
C LYS B 272 29.57 -22.89 27.38
N ASP B 273 29.18 -21.63 27.23
CA ASP B 273 29.55 -20.58 28.19
C ASP B 273 28.51 -20.40 29.30
N HIS B 274 27.55 -21.33 29.36
CA HIS B 274 26.53 -21.29 30.40
C HIS B 274 26.48 -22.62 31.15
N LYS B 275 25.68 -22.67 32.21
CA LYS B 275 25.60 -23.85 33.08
C LYS B 275 25.45 -25.12 32.26
N GLN B 276 26.38 -26.04 32.44
CA GLN B 276 26.42 -27.25 31.65
C GLN B 276 25.89 -28.46 32.42
N PRO B 277 24.98 -29.22 31.81
CA PRO B 277 24.41 -30.45 32.38
C PRO B 277 25.47 -31.54 32.51
N LYS B 278 25.28 -32.45 33.45
CA LYS B 278 26.25 -33.51 33.72
C LYS B 278 26.66 -34.28 32.47
N GLN B 279 25.75 -35.10 31.96
CA GLN B 279 26.04 -35.98 30.84
C GLN B 279 24.92 -35.90 29.81
N LEU B 280 24.88 -34.80 29.06
CA LEU B 280 23.81 -34.60 28.09
C LEU B 280 23.95 -35.54 26.91
N VAL B 281 22.87 -36.25 26.58
CA VAL B 281 22.88 -37.14 25.43
C VAL B 281 21.66 -36.93 24.54
N ASN B 282 21.87 -37.05 23.23
CA ASN B 282 20.79 -37.09 22.26
C ASN B 282 20.49 -38.55 21.95
N GLU B 283 19.27 -39.00 22.17
CA GLU B 283 18.88 -40.34 21.74
C GLU B 283 17.89 -40.26 20.59
N VAL B 284 18.20 -40.94 19.49
CA VAL B 284 17.29 -40.97 18.36
C VAL B 284 16.25 -42.07 18.55
N VAL B 285 14.99 -41.68 18.55
CA VAL B 285 13.87 -42.60 18.76
C VAL B 285 13.33 -43.10 17.44
N THR B 286 13.02 -44.39 17.38
CA THR B 286 12.54 -45.01 16.14
C THR B 286 11.13 -45.54 16.29
N GLU B 287 10.42 -45.07 17.31
CA GLU B 287 9.06 -45.50 17.56
C GLU B 287 8.16 -45.26 16.35
N LYS B 288 7.21 -46.17 16.13
CA LYS B 288 6.30 -46.07 14.99
C LYS B 288 4.86 -46.34 15.39
N PRO B 289 3.92 -45.79 14.61
CA PRO B 289 2.47 -45.92 14.83
C PRO B 289 1.91 -47.09 14.03
N LYS B 290 0.67 -47.48 14.33
CA LYS B 290 -0.04 -48.41 13.47
C LYS B 290 -0.21 -47.77 12.10
N PRO B 291 0.11 -48.52 11.03
CA PRO B 291 0.11 -48.01 9.66
C PRO B 291 -1.14 -47.21 9.33
N TRP B 292 -0.95 -46.01 8.76
CA TRP B 292 -2.08 -45.16 8.42
C TRP B 292 -2.30 -45.06 6.91
N ASP B 293 -3.44 -44.47 6.54
CA ASP B 293 -3.84 -44.39 5.16
C ASP B 293 -3.86 -42.94 4.68
N VAL B 294 -3.31 -42.70 3.50
CA VAL B 294 -3.47 -41.42 2.82
C VAL B 294 -3.86 -41.67 1.35
N ASP B 295 -5.15 -41.83 1.12
CA ASP B 295 -5.68 -42.10 -0.21
C ASP B 295 -5.22 -43.45 -0.76
N GLY B 296 -5.31 -44.47 0.08
CA GLY B 296 -4.92 -45.82 -0.31
C GLY B 296 -3.48 -46.15 0.02
N TYR B 297 -2.59 -45.17 -0.13
CA TYR B 297 -1.16 -45.38 0.13
C TYR B 297 -0.85 -45.46 1.62
N VAL B 298 -0.11 -46.49 2.00
CA VAL B 298 0.14 -46.79 3.41
C VAL B 298 1.56 -46.45 3.85
N TYR B 299 1.69 -45.90 5.05
CA TYR B 299 2.98 -45.60 5.65
C TYR B 299 2.91 -45.88 7.14
N ASN B 300 4.02 -45.69 7.86
CA ASN B 300 4.03 -45.95 9.30
C ASN B 300 5.15 -45.24 10.08
N ASP B 301 5.21 -43.93 9.94
CA ASP B 301 6.17 -43.12 10.69
C ASP B 301 5.54 -41.79 11.03
N PHE B 302 5.73 -41.32 12.26
CA PHE B 302 5.16 -40.04 12.68
C PHE B 302 5.55 -38.87 11.77
N SER B 303 6.68 -39.02 11.08
CA SER B 303 7.20 -37.99 10.19
C SER B 303 8.35 -38.60 9.39
N ASP B 304 8.93 -37.84 8.45
CA ASP B 304 10.09 -38.34 7.73
C ASP B 304 11.37 -38.19 8.56
N HIS B 305 11.25 -37.48 9.67
CA HIS B 305 12.32 -37.39 10.65
C HIS B 305 11.98 -38.19 11.91
N TYR B 306 13.01 -38.67 12.59
CA TYR B 306 12.83 -39.31 13.89
C TYR B 306 13.02 -38.29 14.99
N PRO B 307 12.31 -38.46 16.11
CA PRO B 307 12.46 -37.56 17.25
C PRO B 307 13.77 -37.82 17.96
N ILE B 308 14.30 -36.83 18.65
CA ILE B 308 15.46 -37.07 19.52
C ILE B 308 15.12 -36.71 20.95
N LYS B 309 15.53 -37.55 21.89
CA LYS B 309 15.39 -37.24 23.30
C LYS B 309 16.69 -36.63 23.81
N ALA B 310 16.60 -35.86 24.87
CA ALA B 310 17.78 -35.35 25.55
C ALA B 310 17.62 -35.46 27.05
N TYR B 311 18.70 -35.80 27.73
CA TYR B 311 18.66 -36.00 29.16
C TYR B 311 20.09 -36.15 29.67
N SER B 312 20.31 -35.77 30.92
CA SER B 312 21.60 -36.01 31.55
C SER B 312 21.58 -37.38 32.20
N LYS B 313 22.73 -38.05 32.20
CA LYS B 313 22.82 -39.39 32.75
C LYS B 313 23.71 -39.40 34.00
N ASP C 29 -20.40 -0.86 34.84
CA ASP C 29 -19.64 0.37 34.93
C ASP C 29 -18.43 0.33 34.01
N LEU C 30 -18.64 -0.11 32.77
CA LEU C 30 -17.57 -0.19 31.79
C LEU C 30 -17.66 0.92 30.75
N LYS C 31 -16.52 1.21 30.13
CA LYS C 31 -16.47 2.11 28.99
C LYS C 31 -15.99 1.28 27.82
N LEU C 32 -16.91 0.90 26.93
CA LEU C 32 -16.56 0.03 25.83
C LEU C 32 -16.49 0.77 24.50
N VAL C 33 -15.92 0.09 23.51
CA VAL C 33 -15.98 0.55 22.13
C VAL C 33 -16.10 -0.67 21.22
N SER C 34 -16.99 -0.61 20.25
CA SER C 34 -17.10 -1.66 19.24
C SER C 34 -16.93 -1.06 17.87
N HIS C 35 -15.83 -1.38 17.21
CA HIS C 35 -15.62 -0.92 15.86
C HIS C 35 -15.53 -2.09 14.88
N ASN C 36 -16.30 -2.02 13.81
CA ASN C 36 -16.05 -2.88 12.67
C ASN C 36 -14.92 -2.24 11.87
N VAL C 37 -13.71 -2.80 11.99
CA VAL C 37 -12.52 -2.16 11.44
C VAL C 37 -12.32 -2.40 9.94
N TYR C 38 -13.08 -3.33 9.36
CA TYR C 38 -13.07 -3.53 7.92
C TYR C 38 -11.70 -3.97 7.40
N MET C 39 -11.15 -4.99 8.03
CA MET C 39 -9.87 -5.57 7.61
C MET C 39 -10.08 -6.81 6.76
N LEU C 40 -10.68 -6.64 5.59
CA LEU C 40 -10.81 -7.76 4.66
C LEU C 40 -9.42 -8.30 4.31
N SER C 41 -9.37 -9.55 3.88
CA SER C 41 -8.09 -10.20 3.57
C SER C 41 -7.31 -9.43 2.49
N THR C 42 -6.07 -9.07 2.80
CA THR C 42 -5.23 -8.36 1.83
C THR C 42 -4.78 -9.27 0.70
N VAL C 43 -5.09 -10.55 0.80
CA VAL C 43 -4.79 -11.49 -0.26
C VAL C 43 -5.91 -11.51 -1.29
N LEU C 44 -7.16 -11.49 -0.79
CA LEU C 44 -8.34 -11.57 -1.65
C LEU C 44 -8.97 -10.21 -1.96
N TYR C 45 -8.56 -9.19 -1.22
CA TYR C 45 -9.05 -7.83 -1.43
C TYR C 45 -7.93 -6.84 -1.05
N PRO C 46 -6.82 -6.88 -1.81
CA PRO C 46 -5.54 -6.26 -1.45
C PRO C 46 -5.54 -4.73 -1.31
N ASN C 47 -6.51 -4.07 -1.92
CA ASN C 47 -6.49 -2.61 -1.96
C ASN C 47 -7.59 -1.93 -1.16
N TRP C 48 -7.49 -1.99 0.17
CA TRP C 48 -8.42 -1.28 1.03
C TRP C 48 -7.70 -0.52 2.12
N GLY C 49 -6.37 -0.54 2.08
CA GLY C 49 -5.54 0.19 3.02
C GLY C 49 -5.67 -0.34 4.44
N GLN C 50 -5.71 -1.66 4.56
CA GLN C 50 -5.86 -2.33 5.84
C GLN C 50 -4.76 -1.95 6.82
N TYR C 51 -3.52 -1.95 6.34
CA TYR C 51 -2.36 -1.65 7.18
C TYR C 51 -2.30 -0.19 7.57
N LYS C 52 -2.54 0.68 6.60
CA LYS C 52 -2.60 2.11 6.85
C LYS C 52 -3.60 2.40 7.96
N ARG C 53 -4.82 1.91 7.77
CA ARG C 53 -5.92 2.15 8.70
C ARG C 53 -5.66 1.58 10.09
N ALA C 54 -4.96 0.47 10.17
CA ALA C 54 -4.61 -0.12 11.47
C ALA C 54 -3.80 0.89 12.26
N ASP C 55 -2.98 1.66 11.54
CA ASP C 55 -2.18 2.72 12.16
C ASP C 55 -3.06 3.89 12.54
N LEU C 56 -3.89 4.35 11.61
CA LEU C 56 -4.82 5.43 11.88
C LEU C 56 -5.65 5.14 13.13
N ILE C 57 -6.22 3.94 13.18
CA ILE C 57 -7.05 3.51 14.30
C ILE C 57 -6.25 3.52 15.60
N GLY C 58 -5.00 3.05 15.53
CA GLY C 58 -4.14 3.03 16.70
C GLY C 58 -3.83 4.42 17.22
N GLN C 59 -3.64 5.37 16.30
CA GLN C 59 -3.29 6.73 16.65
C GLN C 59 -4.52 7.62 16.86
N SER C 60 -5.69 6.99 16.95
CA SER C 60 -6.94 7.74 17.05
C SER C 60 -7.27 8.15 18.48
N SER C 61 -8.37 8.87 18.65
CA SER C 61 -8.76 9.40 19.94
C SER C 61 -9.88 8.58 20.60
N TYR C 62 -10.58 7.78 19.80
CA TYR C 62 -11.73 7.04 20.31
C TYR C 62 -11.34 5.71 20.96
N ILE C 63 -10.27 5.08 20.46
CA ILE C 63 -9.80 3.83 21.07
C ILE C 63 -9.17 4.07 22.43
N LYS C 64 -8.93 5.34 22.77
CA LYS C 64 -8.20 5.65 23.98
C LYS C 64 -9.10 6.03 25.16
N ASN C 65 -8.60 5.74 26.36
CA ASN C 65 -9.34 5.92 27.60
C ASN C 65 -10.68 5.16 27.63
N ASN C 66 -10.65 3.91 27.18
CA ASN C 66 -11.75 2.99 27.39
C ASN C 66 -11.26 1.84 28.27
N ASP C 67 -12.16 0.91 28.59
CA ASP C 67 -11.80 -0.26 29.39
C ASP C 67 -11.66 -1.50 28.51
N VAL C 68 -12.60 -1.67 27.59
CA VAL C 68 -12.62 -2.83 26.72
C VAL C 68 -12.95 -2.43 25.29
N VAL C 69 -12.25 -3.03 24.33
CA VAL C 69 -12.47 -2.72 22.93
C VAL C 69 -12.78 -3.98 22.14
N ILE C 70 -13.87 -3.94 21.38
CA ILE C 70 -14.29 -5.08 20.56
C ILE C 70 -14.13 -4.76 19.07
N PHE C 71 -13.27 -5.52 18.40
CA PHE C 71 -13.03 -5.32 16.98
C PHE C 71 -13.86 -6.28 16.13
N ASN C 72 -14.22 -5.82 14.93
CA ASN C 72 -14.96 -6.65 13.98
C ASN C 72 -14.34 -6.65 12.58
N GLU C 73 -14.54 -7.75 11.85
CA GLU C 73 -14.01 -7.87 10.50
C GLU C 73 -12.50 -7.66 10.45
N ALA C 74 -11.81 -8.00 11.53
CA ALA C 74 -10.35 -8.00 11.54
C ALA C 74 -9.84 -9.30 10.92
N PHE C 75 -10.31 -9.58 9.70
CA PHE C 75 -10.04 -10.85 9.05
C PHE C 75 -8.58 -11.01 8.63
N ASP C 76 -8.01 -9.99 8.00
CA ASP C 76 -6.63 -10.06 7.56
C ASP C 76 -5.67 -10.23 8.74
N ASN C 77 -4.93 -11.33 8.72
CA ASN C 77 -4.04 -11.69 9.82
C ASN C 77 -2.98 -10.62 10.07
N GLY C 78 -2.38 -10.11 9.00
CA GLY C 78 -1.33 -9.12 9.11
C GLY C 78 -1.79 -7.82 9.77
N ALA C 79 -2.71 -7.13 9.11
CA ALA C 79 -3.20 -5.83 9.58
C ALA C 79 -3.83 -5.92 10.96
N SER C 80 -4.51 -7.02 11.25
CA SER C 80 -5.16 -7.20 12.55
C SER C 80 -4.13 -7.40 13.64
N ASP C 81 -3.00 -8.00 13.30
CA ASP C 81 -1.90 -8.16 14.26
C ASP C 81 -1.28 -6.81 14.59
N LYS C 82 -1.24 -5.93 13.59
CA LYS C 82 -0.71 -4.59 13.78
C LYS C 82 -1.68 -3.76 14.60
N LEU C 83 -2.97 -3.88 14.28
CA LEU C 83 -4.01 -3.20 15.02
C LEU C 83 -3.90 -3.56 16.50
N LEU C 84 -3.83 -4.85 16.77
CA LEU C 84 -3.74 -5.36 18.14
C LEU C 84 -2.50 -4.88 18.90
N SER C 85 -1.35 -4.81 18.21
CA SER C 85 -0.12 -4.37 18.86
C SER C 85 0.03 -2.84 18.86
N ASN C 86 -0.79 -2.15 18.08
CA ASN C 86 -0.89 -0.70 18.14
C ASN C 86 -1.63 -0.31 19.41
N VAL C 87 -2.34 -1.28 19.97
CA VAL C 87 -3.25 -1.07 21.08
C VAL C 87 -2.69 -1.74 22.34
N LYS C 88 -1.68 -2.58 22.14
CA LYS C 88 -1.14 -3.47 23.17
C LYS C 88 -0.82 -2.80 24.50
N LYS C 89 -0.30 -1.58 24.45
CA LYS C 89 0.06 -0.88 25.68
C LYS C 89 -1.16 -0.50 26.51
N GLU C 90 -2.09 0.25 25.90
CA GLU C 90 -3.27 0.72 26.60
C GLU C 90 -4.20 -0.43 26.99
N TYR C 91 -4.27 -1.44 26.11
CA TYR C 91 -5.08 -2.62 26.37
C TYR C 91 -4.23 -3.88 26.30
N PRO C 92 -3.51 -4.18 27.39
CA PRO C 92 -2.51 -5.24 27.48
C PRO C 92 -3.13 -6.63 27.34
N TYR C 93 -4.31 -6.81 27.91
CA TYR C 93 -4.95 -8.12 27.96
C TYR C 93 -5.85 -8.33 26.75
N GLN C 94 -5.42 -9.20 25.85
CA GLN C 94 -6.11 -9.40 24.59
C GLN C 94 -6.40 -10.87 24.34
N THR C 95 -7.38 -11.14 23.49
CA THR C 95 -7.69 -12.49 23.06
C THR C 95 -7.18 -12.68 21.64
N PRO C 96 -7.10 -13.94 21.18
CA PRO C 96 -6.80 -14.15 19.76
C PRO C 96 -7.96 -13.64 18.91
N VAL C 97 -7.87 -13.78 17.59
CA VAL C 97 -8.99 -13.48 16.72
C VAL C 97 -9.87 -14.72 16.59
N LEU C 98 -11.15 -14.56 16.89
CA LEU C 98 -12.13 -15.63 16.76
C LEU C 98 -11.97 -16.37 15.43
N GLY C 99 -11.92 -17.70 15.50
CA GLY C 99 -11.87 -18.52 14.31
C GLY C 99 -10.49 -18.74 13.73
N ARG C 100 -9.54 -17.92 14.17
CA ARG C 100 -8.17 -17.96 13.64
C ARG C 100 -7.49 -19.28 13.98
N SER C 101 -7.31 -19.54 15.27
CA SER C 101 -6.68 -20.78 15.71
C SER C 101 -7.44 -21.41 16.88
N GLN C 102 -6.99 -22.60 17.27
CA GLN C 102 -7.62 -23.34 18.35
C GLN C 102 -6.80 -23.19 19.62
N SER C 103 -5.58 -22.67 19.44
CA SER C 103 -4.64 -22.45 20.53
C SER C 103 -4.74 -21.01 21.03
N GLY C 104 -4.64 -20.82 22.34
CA GLY C 104 -4.71 -19.51 22.94
C GLY C 104 -6.07 -19.23 23.55
N TRP C 105 -6.95 -20.22 23.51
CA TRP C 105 -8.27 -20.13 24.11
C TRP C 105 -8.39 -21.12 25.28
N ASP C 106 -9.16 -20.74 26.29
CA ASP C 106 -9.42 -21.63 27.43
C ASP C 106 -10.35 -22.75 26.99
N LYS C 107 -11.18 -22.47 25.99
CA LYS C 107 -12.19 -23.40 25.52
C LYS C 107 -12.59 -23.01 24.09
N THR C 108 -12.97 -23.99 23.30
CA THR C 108 -13.44 -23.73 21.94
C THR C 108 -14.75 -24.48 21.69
N GLU C 109 -15.82 -23.73 21.49
CA GLU C 109 -17.14 -24.33 21.27
C GLU C 109 -17.62 -24.13 19.85
N GLY C 110 -18.77 -24.71 19.54
CA GLY C 110 -19.44 -24.49 18.27
C GLY C 110 -18.93 -25.35 17.14
N SER C 111 -19.10 -24.87 15.92
CA SER C 111 -18.69 -25.61 14.73
C SER C 111 -17.39 -25.08 14.15
N TYR C 112 -16.34 -25.08 14.97
CA TYR C 112 -15.01 -24.70 14.50
C TYR C 112 -14.52 -25.71 13.48
N SER C 113 -13.85 -25.22 12.44
CA SER C 113 -13.25 -26.10 11.45
C SER C 113 -11.94 -25.50 10.92
N SER C 114 -11.01 -26.36 10.56
CA SER C 114 -9.69 -25.93 10.10
C SER C 114 -9.58 -26.06 8.59
N THR C 115 -10.71 -26.00 7.91
CA THR C 115 -10.77 -26.20 6.47
C THR C 115 -11.45 -25.02 5.81
N VAL C 116 -11.47 -23.89 6.50
CA VAL C 116 -12.25 -22.74 6.08
C VAL C 116 -11.35 -21.58 5.64
N ALA C 117 -11.83 -20.81 4.68
CA ALA C 117 -11.03 -19.75 4.06
C ALA C 117 -10.69 -18.59 5.00
N GLU C 118 -11.63 -18.21 5.87
CA GLU C 118 -11.42 -17.07 6.75
C GLU C 118 -11.87 -17.34 8.19
N ASP C 119 -11.37 -16.55 9.13
CA ASP C 119 -11.76 -16.69 10.54
C ASP C 119 -13.08 -15.97 10.82
N GLY C 120 -13.24 -15.48 12.04
CA GLY C 120 -14.47 -14.81 12.47
C GLY C 120 -14.33 -13.30 12.58
N GLY C 121 -13.09 -12.83 12.66
CA GLY C 121 -12.81 -11.41 12.66
C GLY C 121 -12.97 -10.71 13.99
N VAL C 122 -13.41 -11.45 15.00
CA VAL C 122 -13.71 -10.85 16.31
C VAL C 122 -12.58 -11.01 17.33
N ALA C 123 -12.22 -9.91 17.97
CA ALA C 123 -11.20 -9.92 19.01
C ALA C 123 -11.52 -8.90 20.08
N ILE C 124 -11.24 -9.23 21.33
CA ILE C 124 -11.50 -8.32 22.43
C ILE C 124 -10.19 -7.97 23.16
N VAL C 125 -10.00 -6.67 23.44
CA VAL C 125 -8.84 -6.23 24.20
C VAL C 125 -9.31 -5.47 25.42
N SER C 126 -8.41 -5.31 26.40
CA SER C 126 -8.82 -4.83 27.72
C SER C 126 -7.69 -4.20 28.51
N LYS C 127 -8.01 -3.18 29.28
CA LYS C 127 -7.07 -2.60 30.25
C LYS C 127 -6.91 -3.55 31.43
N TYR C 128 -7.91 -4.40 31.63
CA TYR C 128 -7.99 -5.24 32.83
C TYR C 128 -7.84 -6.73 32.51
N PRO C 129 -7.32 -7.49 33.49
CA PRO C 129 -7.01 -8.91 33.37
C PRO C 129 -8.17 -9.73 32.79
N ILE C 130 -7.87 -10.53 31.77
CA ILE C 130 -8.84 -11.48 31.22
C ILE C 130 -8.62 -12.85 31.86
N LYS C 131 -9.60 -13.31 32.62
CA LYS C 131 -9.44 -14.53 33.40
C LYS C 131 -10.09 -15.73 32.74
N GLU C 132 -10.62 -15.53 31.54
CA GLU C 132 -11.19 -16.61 30.76
C GLU C 132 -11.59 -16.14 29.37
N LYS C 133 -11.35 -16.98 28.37
CA LYS C 133 -11.76 -16.67 27.01
C LYS C 133 -12.19 -17.92 26.25
N ILE C 134 -13.47 -18.01 25.97
CA ILE C 134 -14.01 -19.06 25.11
C ILE C 134 -14.32 -18.45 23.76
N GLN C 135 -14.14 -19.23 22.71
CA GLN C 135 -14.62 -18.82 21.40
C GLN C 135 -15.71 -19.78 20.98
N HIS C 136 -16.72 -19.24 20.33
CA HIS C 136 -17.81 -20.07 19.85
C HIS C 136 -18.11 -19.70 18.40
N VAL C 137 -18.11 -20.69 17.53
CA VAL C 137 -18.43 -20.49 16.12
C VAL C 137 -19.88 -20.90 15.89
N PHE C 138 -20.61 -20.13 15.08
CA PHE C 138 -22.00 -20.45 14.79
C PHE C 138 -22.10 -21.70 13.93
N LYS C 139 -23.18 -22.46 14.12
CA LYS C 139 -23.44 -23.63 13.30
C LYS C 139 -23.87 -23.23 11.89
N SER C 140 -24.63 -22.14 11.80
CA SER C 140 -25.23 -21.72 10.55
C SER C 140 -24.53 -20.52 9.89
N GLY C 141 -24.58 -20.48 8.57
CA GLY C 141 -23.99 -19.40 7.79
C GLY C 141 -24.23 -19.62 6.31
N CYS C 142 -24.49 -18.55 5.58
CA CYS C 142 -24.72 -18.64 4.14
C CYS C 142 -23.87 -17.63 3.38
N GLY C 143 -23.71 -17.86 2.07
CA GLY C 143 -22.91 -16.98 1.25
C GLY C 143 -21.44 -17.02 1.63
N PHE C 144 -20.82 -15.85 1.72
CA PHE C 144 -19.42 -15.76 2.10
C PHE C 144 -19.20 -16.18 3.55
N ASP C 145 -20.15 -15.83 4.41
CA ASP C 145 -20.06 -16.16 5.83
C ASP C 145 -20.09 -17.67 6.05
N ASN C 146 -20.47 -18.40 5.00
CA ASN C 146 -20.47 -19.85 5.03
C ASN C 146 -19.05 -20.38 5.06
N ASP C 147 -18.15 -19.68 4.36
CA ASP C 147 -16.75 -20.05 4.32
C ASP C 147 -15.94 -19.21 5.30
N SER C 148 -16.51 -18.97 6.48
CA SER C 148 -15.82 -18.25 7.54
C SER C 148 -16.03 -18.97 8.86
N ASN C 149 -15.28 -18.56 9.88
CA ASN C 149 -15.49 -19.07 11.23
C ASN C 149 -16.14 -18.02 12.11
N LYS C 150 -17.20 -17.41 11.59
CA LYS C 150 -17.88 -16.37 12.35
C LYS C 150 -18.63 -16.95 13.54
N GLY C 151 -18.64 -16.20 14.63
CA GLY C 151 -19.24 -16.63 15.87
C GLY C 151 -18.99 -15.53 16.88
N PHE C 152 -19.03 -15.85 18.17
CA PHE C 152 -18.77 -14.84 19.18
C PHE C 152 -17.58 -15.19 20.08
N VAL C 153 -17.14 -14.19 20.83
CA VAL C 153 -16.00 -14.32 21.72
C VAL C 153 -16.42 -13.97 23.13
N TYR C 154 -16.55 -14.98 23.97
CA TYR C 154 -16.85 -14.73 25.38
C TYR C 154 -15.58 -14.32 26.11
N THR C 155 -15.73 -13.43 27.07
CA THR C 155 -14.60 -12.97 27.85
C THR C 155 -15.05 -12.71 29.29
N LYS C 156 -14.17 -12.98 30.24
CA LYS C 156 -14.47 -12.78 31.64
C LYS C 156 -13.36 -11.98 32.29
N ILE C 157 -13.41 -10.66 32.16
CA ILE C 157 -12.38 -9.81 32.71
C ILE C 157 -12.65 -9.53 34.17
N GLU C 158 -11.62 -9.13 34.91
CA GLU C 158 -11.78 -8.82 36.32
C GLU C 158 -11.28 -7.41 36.63
N LYS C 159 -12.21 -6.50 36.87
CA LYS C 159 -11.90 -5.12 37.18
C LYS C 159 -12.11 -4.83 38.67
N ASN C 160 -11.02 -4.53 39.36
CA ASN C 160 -11.07 -4.18 40.78
C ASN C 160 -11.65 -5.31 41.66
N GLY C 161 -11.28 -6.54 41.36
CA GLY C 161 -11.74 -7.68 42.13
C GLY C 161 -13.16 -8.10 41.83
N LYS C 162 -13.81 -7.36 40.93
CA LYS C 162 -15.18 -7.70 40.51
C LYS C 162 -15.15 -8.33 39.12
N ASN C 163 -16.01 -9.32 38.91
CA ASN C 163 -16.08 -10.00 37.61
C ASN C 163 -17.05 -9.35 36.63
N VAL C 164 -16.55 -9.00 35.45
CA VAL C 164 -17.38 -8.46 34.38
C VAL C 164 -17.25 -9.33 33.15
N HIS C 165 -18.36 -9.55 32.46
CA HIS C 165 -18.38 -10.47 31.32
C HIS C 165 -18.71 -9.74 30.03
N VAL C 166 -17.89 -9.95 29.01
CA VAL C 166 -18.04 -9.22 27.76
C VAL C 166 -18.02 -10.15 26.55
N ILE C 167 -19.07 -10.06 25.74
CA ILE C 167 -19.19 -10.89 24.54
C ILE C 167 -19.14 -10.03 23.29
N GLY C 168 -18.24 -10.38 22.38
CA GLY C 168 -18.15 -9.68 21.11
C GLY C 168 -18.59 -10.61 20.00
N THR C 169 -19.37 -10.10 19.07
CA THR C 169 -19.89 -10.95 18.00
C THR C 169 -20.00 -10.21 16.67
N HIS C 170 -20.42 -10.94 15.66
CA HIS C 170 -20.55 -10.42 14.31
C HIS C 170 -21.36 -11.43 13.52
N THR C 171 -22.65 -11.14 13.35
CA THR C 171 -23.57 -12.11 12.79
C THR C 171 -23.63 -12.08 11.26
N GLN C 172 -24.44 -12.98 10.72
CA GLN C 172 -24.66 -13.08 9.28
C GLN C 172 -25.01 -11.74 8.64
N SER C 173 -24.25 -11.36 7.61
CA SER C 173 -24.52 -10.11 6.91
C SER C 173 -25.43 -10.33 5.71
N GLU C 174 -26.05 -9.24 5.24
CA GLU C 174 -26.94 -9.30 4.10
C GLU C 174 -26.19 -9.75 2.86
N ASP C 175 -26.44 -10.99 2.43
CA ASP C 175 -25.81 -11.50 1.21
C ASP C 175 -26.83 -11.55 0.08
N SER C 176 -26.60 -10.74 -0.94
CA SER C 176 -27.51 -10.65 -2.07
C SER C 176 -27.62 -12.00 -2.80
N ARG C 177 -26.62 -12.84 -2.62
CA ARG C 177 -26.62 -14.16 -3.23
C ARG C 177 -26.63 -15.29 -2.19
N CYS C 178 -27.76 -15.41 -1.49
CA CYS C 178 -27.99 -16.55 -0.59
C CYS C 178 -29.43 -16.51 -0.05
N GLY C 179 -30.20 -17.55 -0.36
CA GLY C 179 -31.57 -17.67 0.10
C GLY C 179 -32.45 -16.48 -0.23
N ALA C 180 -33.62 -16.42 0.40
CA ALA C 180 -34.53 -15.29 0.25
C ALA C 180 -34.38 -14.37 1.45
N GLY C 181 -34.97 -14.78 2.57
CA GLY C 181 -34.80 -14.07 3.83
C GLY C 181 -34.01 -14.93 4.80
N HIS C 182 -33.21 -15.83 4.24
CA HIS C 182 -32.46 -16.79 5.05
C HIS C 182 -31.42 -16.12 5.94
N ASP C 183 -30.83 -15.03 5.47
CA ASP C 183 -29.89 -14.28 6.29
C ASP C 183 -30.56 -13.85 7.60
N ARG C 184 -31.83 -13.48 7.52
CA ARG C 184 -32.58 -13.08 8.71
C ARG C 184 -32.83 -14.24 9.64
N LYS C 185 -33.20 -15.39 9.08
CA LYS C 185 -33.46 -16.60 9.87
C LYS C 185 -32.19 -17.16 10.50
N ILE C 186 -31.07 -16.98 9.81
CA ILE C 186 -29.79 -17.43 10.30
C ILE C 186 -29.33 -16.56 11.47
N ARG C 187 -29.46 -15.25 11.31
CA ARG C 187 -29.14 -14.31 12.39
C ARG C 187 -29.93 -14.66 13.65
N ALA C 188 -31.18 -15.08 13.45
CA ALA C 188 -32.04 -15.48 14.57
C ALA C 188 -31.40 -16.64 15.30
N GLU C 189 -31.01 -17.66 14.55
CA GLU C 189 -30.37 -18.83 15.14
C GLU C 189 -29.08 -18.44 15.87
N GLN C 190 -28.26 -17.62 15.22
CA GLN C 190 -26.98 -17.20 15.79
C GLN C 190 -27.13 -16.46 17.12
N MET C 191 -27.99 -15.44 17.12
CA MET C 191 -28.27 -14.70 18.35
C MET C 191 -28.85 -15.62 19.42
N LYS C 192 -29.52 -16.67 18.99
CA LYS C 192 -30.09 -17.66 19.90
C LYS C 192 -28.96 -18.45 20.55
N GLU C 193 -27.94 -18.78 19.76
CA GLU C 193 -26.78 -19.49 20.27
C GLU C 193 -26.05 -18.68 21.35
N ILE C 194 -26.07 -17.36 21.19
CA ILE C 194 -25.43 -16.48 22.16
C ILE C 194 -26.19 -16.46 23.48
N SER C 195 -27.50 -16.24 23.41
CA SER C 195 -28.34 -16.18 24.59
C SER C 195 -28.37 -17.52 25.31
N ASP C 196 -28.34 -18.61 24.55
CA ASP C 196 -28.30 -19.96 25.12
C ASP C 196 -26.97 -20.17 25.81
N PHE C 197 -25.91 -19.62 25.22
CA PHE C 197 -24.57 -19.74 25.78
C PHE C 197 -24.47 -19.08 27.14
N VAL C 198 -25.18 -17.97 27.31
CA VAL C 198 -25.11 -17.19 28.53
C VAL C 198 -25.91 -17.82 29.68
N LYS C 199 -27.04 -18.44 29.34
CA LYS C 199 -27.86 -19.09 30.35
C LYS C 199 -27.21 -20.39 30.84
N LYS C 200 -26.52 -21.08 29.94
CA LYS C 200 -25.86 -22.34 30.28
C LYS C 200 -24.61 -22.09 31.11
N LYS C 201 -24.22 -20.82 31.21
CA LYS C 201 -22.97 -20.45 31.85
C LYS C 201 -23.15 -20.18 33.35
N ASN C 202 -24.39 -20.19 33.81
CA ASN C 202 -24.70 -19.96 35.23
C ASN C 202 -23.98 -18.75 35.82
N ILE C 203 -23.92 -17.67 35.05
CA ILE C 203 -23.27 -16.46 35.51
C ILE C 203 -24.13 -15.74 36.55
N PRO C 204 -23.51 -15.41 37.70
CA PRO C 204 -24.20 -14.72 38.80
C PRO C 204 -25.04 -13.56 38.31
N LYS C 205 -26.21 -13.36 38.92
CA LYS C 205 -27.11 -12.29 38.51
C LYS C 205 -26.62 -10.91 38.95
N ASP C 206 -25.66 -10.87 39.87
CA ASP C 206 -25.11 -9.61 40.33
C ASP C 206 -23.92 -9.14 39.50
N GLU C 207 -23.71 -9.78 38.35
CA GLU C 207 -22.62 -9.43 37.45
C GLU C 207 -23.14 -9.11 36.06
N THR C 208 -22.60 -8.05 35.46
CA THR C 208 -23.09 -7.57 34.17
C THR C 208 -22.48 -8.35 33.00
N VAL C 209 -23.28 -8.58 31.97
CA VAL C 209 -22.83 -9.29 30.79
C VAL C 209 -23.10 -8.46 29.53
N TYR C 210 -22.09 -7.76 29.05
CA TYR C 210 -22.24 -6.93 27.85
C TYR C 210 -22.23 -7.80 26.59
N ILE C 211 -22.91 -7.33 25.54
CA ILE C 211 -22.99 -8.06 24.29
C ILE C 211 -23.00 -7.08 23.12
N GLY C 212 -21.88 -7.00 22.41
CA GLY C 212 -21.73 -6.02 21.35
C GLY C 212 -21.23 -6.57 20.05
N GLY C 213 -21.01 -5.66 19.09
CA GLY C 213 -20.50 -6.03 17.79
C GLY C 213 -21.45 -5.63 16.67
N ASP C 214 -21.14 -6.09 15.46
CA ASP C 214 -21.98 -5.83 14.30
C ASP C 214 -23.07 -6.89 14.21
N LEU C 215 -24.27 -6.55 14.67
CA LEU C 215 -25.38 -7.50 14.70
C LEU C 215 -26.13 -7.53 13.38
N ASN C 216 -25.72 -6.67 12.45
CA ASN C 216 -26.31 -6.62 11.11
C ASN C 216 -27.84 -6.54 11.14
N VAL C 217 -28.36 -5.78 12.09
CA VAL C 217 -29.80 -5.54 12.18
C VAL C 217 -30.04 -4.04 12.30
N ASN C 218 -30.69 -3.46 11.29
CA ASN C 218 -30.97 -2.02 11.26
C ASN C 218 -31.91 -1.60 12.39
N LYS C 219 -31.50 -0.59 13.17
CA LYS C 219 -32.27 -0.16 14.34
C LYS C 219 -33.71 0.17 14.01
N GLY C 220 -34.61 -0.13 14.94
CA GLY C 220 -36.01 0.17 14.77
C GLY C 220 -36.62 -0.48 13.54
N THR C 221 -36.48 -1.79 13.43
CA THR C 221 -37.18 -2.55 12.40
C THR C 221 -37.79 -3.78 13.08
N PRO C 222 -38.79 -4.40 12.42
CA PRO C 222 -39.43 -5.58 13.00
C PRO C 222 -38.40 -6.64 13.39
N GLU C 223 -37.30 -6.75 12.64
CA GLU C 223 -36.23 -7.68 12.97
C GLU C 223 -35.47 -7.24 14.22
N PHE C 224 -35.34 -5.93 14.39
CA PHE C 224 -34.67 -5.38 15.55
C PHE C 224 -35.42 -5.76 16.83
N LYS C 225 -36.74 -5.81 16.74
CA LYS C 225 -37.57 -6.25 17.86
C LYS C 225 -37.26 -7.69 18.20
N ASP C 226 -37.11 -8.52 17.16
CA ASP C 226 -36.80 -9.93 17.32
C ASP C 226 -35.41 -10.11 17.91
N MET C 227 -34.49 -9.26 17.48
CA MET C 227 -33.11 -9.34 17.94
C MET C 227 -32.99 -9.15 19.45
N LEU C 228 -33.76 -8.19 19.97
CA LEU C 228 -33.75 -7.90 21.40
C LEU C 228 -34.21 -9.10 22.22
N LYS C 229 -35.19 -9.83 21.70
CA LYS C 229 -35.75 -10.99 22.41
C LYS C 229 -34.88 -12.22 22.24
N ASN C 230 -34.26 -12.34 21.06
CA ASN C 230 -33.35 -13.45 20.80
C ASN C 230 -32.05 -13.33 21.59
N LEU C 231 -31.48 -12.13 21.60
CA LEU C 231 -30.29 -11.85 22.41
C LEU C 231 -30.61 -11.75 23.90
N ASN C 232 -31.90 -11.74 24.22
CA ASN C 232 -32.36 -11.55 25.60
C ASN C 232 -31.81 -10.25 26.18
N VAL C 233 -32.11 -9.15 25.49
CA VAL C 233 -31.44 -7.88 25.75
C VAL C 233 -32.43 -6.70 25.77
N ASN C 234 -32.18 -5.74 26.67
CA ASN C 234 -32.96 -4.51 26.72
C ASN C 234 -32.43 -3.51 25.69
N ASP C 235 -33.26 -2.54 25.30
CA ASP C 235 -32.78 -1.51 24.40
C ASP C 235 -31.92 -0.49 25.14
N VAL C 236 -31.33 0.43 24.38
CA VAL C 236 -30.34 1.36 24.89
C VAL C 236 -30.69 2.78 24.47
N LEU C 237 -30.35 3.75 25.31
CA LEU C 237 -30.43 5.14 24.90
C LEU C 237 -29.30 5.43 23.92
N TYR C 238 -29.62 6.08 22.80
CA TYR C 238 -28.61 6.36 21.80
C TYR C 238 -28.14 7.80 21.83
N ALA C 239 -26.88 8.02 21.48
CA ALA C 239 -26.31 9.37 21.41
C ALA C 239 -25.47 9.54 20.15
N GLY C 240 -25.29 10.79 19.74
CA GLY C 240 -24.43 11.10 18.61
C GLY C 240 -25.09 11.02 17.25
N HIS C 241 -24.62 10.08 16.45
CA HIS C 241 -25.02 9.95 15.06
C HIS C 241 -26.01 8.78 14.94
N ASN C 242 -27.10 8.97 14.18
CA ASN C 242 -28.12 7.92 14.07
C ASN C 242 -27.87 6.90 12.98
N SER C 243 -26.61 6.82 12.55
CA SER C 243 -26.20 5.88 11.51
C SER C 243 -24.88 5.23 11.90
N THR C 244 -24.69 3.98 11.50
CA THR C 244 -23.45 3.25 11.77
C THR C 244 -22.69 2.99 10.47
N TRP C 245 -23.44 2.69 9.42
CA TRP C 245 -22.90 2.59 8.08
C TRP C 245 -23.57 3.69 7.26
N ASP C 246 -22.83 4.76 6.98
CA ASP C 246 -23.40 5.97 6.42
C ASP C 246 -22.71 6.46 5.15
N PRO C 247 -23.27 6.12 3.98
CA PRO C 247 -22.72 6.49 2.66
C PRO C 247 -22.88 7.97 2.31
N GLN C 248 -23.30 8.80 3.27
CA GLN C 248 -23.40 10.22 3.03
C GLN C 248 -22.20 10.95 3.62
N SER C 249 -21.61 10.35 4.64
CA SER C 249 -20.50 10.96 5.34
C SER C 249 -19.23 10.08 5.34
N ASN C 250 -19.39 8.79 5.07
CA ASN C 250 -18.26 7.87 5.06
C ASN C 250 -17.63 7.68 3.67
N SER C 251 -16.34 8.00 3.58
CA SER C 251 -15.60 7.95 2.31
C SER C 251 -15.64 6.57 1.70
N ILE C 252 -15.50 5.56 2.56
CA ILE C 252 -15.44 4.17 2.13
C ILE C 252 -16.82 3.61 1.84
N ALA C 253 -17.78 3.94 2.70
CA ALA C 253 -19.16 3.51 2.52
C ALA C 253 -19.77 4.19 1.31
N LYS C 254 -19.42 5.46 1.12
CA LYS C 254 -19.84 6.21 -0.05
C LYS C 254 -19.28 5.55 -1.31
N TYR C 255 -18.04 5.10 -1.23
CA TYR C 255 -17.40 4.42 -2.36
C TYR C 255 -18.09 3.10 -2.70
N ASN C 256 -18.30 2.27 -1.68
CA ASN C 256 -18.96 0.97 -1.84
C ASN C 256 -20.35 1.07 -2.50
N TYR C 257 -21.25 1.79 -1.84
CA TYR C 257 -22.60 2.00 -2.37
C TYR C 257 -23.01 3.46 -2.19
N PRO C 258 -22.78 4.27 -3.22
CA PRO C 258 -23.11 5.70 -3.19
C PRO C 258 -24.63 5.89 -3.19
N ASN C 259 -25.34 4.83 -3.59
CA ASN C 259 -26.79 4.83 -3.64
C ASN C 259 -27.40 5.28 -2.32
N GLY C 260 -26.75 4.90 -1.22
CA GLY C 260 -27.13 5.40 0.09
C GLY C 260 -27.97 4.45 0.92
N LYS C 261 -28.93 5.02 1.64
CA LYS C 261 -29.74 4.29 2.61
C LYS C 261 -28.87 3.90 3.80
N PRO C 262 -28.57 4.88 4.67
CA PRO C 262 -27.79 4.67 5.89
C PRO C 262 -28.45 3.66 6.81
N GLU C 263 -27.63 2.87 7.50
CA GLU C 263 -28.15 1.86 8.41
C GLU C 263 -27.45 1.98 9.76
N HIS C 264 -28.07 1.39 10.78
CA HIS C 264 -27.52 1.39 12.13
C HIS C 264 -27.34 -0.05 12.55
N LEU C 265 -26.10 -0.52 12.59
CA LEU C 265 -25.87 -1.96 12.73
C LEU C 265 -25.00 -2.38 13.91
N ASP C 266 -24.23 -1.44 14.45
CA ASP C 266 -23.36 -1.72 15.60
C ASP C 266 -24.04 -1.42 16.93
N TYR C 267 -24.00 -2.36 17.86
CA TYR C 267 -24.58 -2.17 19.19
C TYR C 267 -23.69 -2.79 20.25
N ILE C 268 -23.76 -2.24 21.47
CA ILE C 268 -23.39 -3.02 22.64
C ILE C 268 -24.55 -3.00 23.64
N PHE C 269 -24.87 -4.18 24.19
CA PHE C 269 -26.02 -4.32 25.06
C PHE C 269 -25.60 -4.93 26.39
N THR C 270 -26.60 -5.34 27.17
CA THR C 270 -26.41 -6.17 28.35
C THR C 270 -27.56 -7.17 28.44
N ASP C 271 -27.27 -8.36 28.94
CA ASP C 271 -28.30 -9.37 29.15
C ASP C 271 -29.34 -8.82 30.13
N LYS C 272 -30.61 -8.94 29.77
CA LYS C 272 -31.69 -8.38 30.58
C LYS C 272 -31.86 -9.12 31.91
N ASP C 273 -31.47 -10.39 31.94
CA ASP C 273 -31.62 -11.23 33.13
C ASP C 273 -30.40 -11.21 34.04
N HIS C 274 -29.46 -10.31 33.74
CA HIS C 274 -28.26 -10.15 34.56
C HIS C 274 -28.11 -8.71 35.02
N LYS C 275 -27.14 -8.46 35.89
CA LYS C 275 -26.92 -7.15 36.48
C LYS C 275 -26.95 -6.06 35.42
N GLN C 276 -27.85 -5.10 35.59
CA GLN C 276 -28.07 -4.06 34.60
C GLN C 276 -27.42 -2.74 35.01
N PRO C 277 -26.66 -2.13 34.11
CA PRO C 277 -26.02 -0.82 34.32
C PRO C 277 -27.07 0.30 34.43
N LYS C 278 -26.72 1.37 35.13
CA LYS C 278 -27.64 2.47 35.36
C LYS C 278 -28.29 2.98 34.09
N GLN C 279 -27.51 3.68 33.27
CA GLN C 279 -28.03 4.32 32.07
C GLN C 279 -27.12 4.03 30.90
N LEU C 280 -27.19 2.82 30.37
CA LEU C 280 -26.33 2.42 29.27
C LEU C 280 -26.70 3.13 27.98
N VAL C 281 -25.71 3.73 27.34
CA VAL C 281 -25.95 4.39 26.05
C VAL C 281 -24.91 3.99 25.01
N ASN C 282 -25.37 3.85 23.76
CA ASN C 282 -24.48 3.70 22.62
C ASN C 282 -24.29 5.06 21.97
N GLU C 283 -23.05 5.53 21.88
CA GLU C 283 -22.78 6.75 21.14
C GLU C 283 -22.03 6.44 19.86
N VAL C 284 -22.55 6.90 18.74
CA VAL C 284 -21.85 6.70 17.46
C VAL C 284 -20.84 7.81 17.24
N VAL C 285 -19.58 7.41 17.08
CA VAL C 285 -18.47 8.33 16.91
C VAL C 285 -18.17 8.56 15.42
N THR C 286 -17.92 9.81 15.06
CA THR C 286 -17.70 10.18 13.67
C THR C 286 -16.29 10.70 13.44
N GLU C 287 -15.40 10.43 14.38
CA GLU C 287 -14.02 10.88 14.29
C GLU C 287 -13.36 10.39 13.00
N LYS C 288 -12.48 11.23 12.45
CA LYS C 288 -11.80 10.90 11.20
C LYS C 288 -10.30 11.21 11.26
N PRO C 289 -9.51 10.52 10.43
CA PRO C 289 -8.07 10.68 10.36
C PRO C 289 -7.68 11.66 9.25
N LYS C 290 -6.42 12.08 9.24
CA LYS C 290 -5.89 12.82 8.10
C LYS C 290 -5.97 11.92 6.87
N PRO C 291 -6.50 12.46 5.76
CA PRO C 291 -6.75 11.69 4.53
C PRO C 291 -5.56 10.82 4.14
N TRP C 292 -5.83 9.55 3.85
CA TRP C 292 -4.76 8.62 3.48
C TRP C 292 -4.82 8.24 2.00
N ASP C 293 -3.76 7.57 1.54
CA ASP C 293 -3.62 7.20 0.16
C ASP C 293 -3.66 5.70 -0.03
N VAL C 294 -4.42 5.24 -1.02
CA VAL C 294 -4.35 3.85 -1.46
C VAL C 294 -4.25 3.82 -2.98
N ASP C 295 -3.03 3.90 -3.49
CA ASP C 295 -2.75 3.90 -4.93
C ASP C 295 -3.33 5.13 -5.62
N GLY C 296 -3.13 6.30 -5.02
CA GLY C 296 -3.60 7.54 -5.59
C GLY C 296 -4.96 7.96 -5.07
N TYR C 297 -5.84 6.99 -4.86
CA TYR C 297 -7.20 7.25 -4.39
C TYR C 297 -7.24 7.62 -2.91
N VAL C 298 -7.92 8.73 -2.59
CA VAL C 298 -7.91 9.29 -1.25
C VAL C 298 -9.21 9.07 -0.50
N TYR C 299 -9.09 8.75 0.78
CA TYR C 299 -10.26 8.59 1.66
C TYR C 299 -9.91 9.15 3.04
N ASN C 300 -10.87 9.13 3.97
CA ASN C 300 -10.62 9.66 5.31
C ASN C 300 -11.55 9.13 6.40
N ASP C 301 -11.61 7.81 6.54
CA ASP C 301 -12.40 7.19 7.59
C ASP C 301 -11.69 5.93 8.05
N PHE C 302 -11.63 5.71 9.37
CA PHE C 302 -10.96 4.53 9.91
C PHE C 302 -11.50 3.21 9.32
N SER C 303 -12.74 3.24 8.85
CA SER C 303 -13.40 2.06 8.29
C SER C 303 -14.68 2.52 7.61
N ASP C 304 -15.41 1.61 6.96
CA ASP C 304 -16.70 1.97 6.38
C ASP C 304 -17.80 2.00 7.44
N HIS C 305 -17.46 1.52 8.64
CA HIS C 305 -18.32 1.63 9.80
C HIS C 305 -17.77 2.65 10.79
N TYR C 306 -18.67 3.28 11.55
CA TYR C 306 -18.26 4.16 12.64
C TYR C 306 -18.24 3.36 13.95
N PRO C 307 -17.33 3.74 14.85
CA PRO C 307 -17.23 3.06 16.15
C PRO C 307 -18.40 3.49 17.02
N ILE C 308 -18.78 2.65 17.99
CA ILE C 308 -19.76 3.07 18.99
C ILE C 308 -19.15 2.99 20.38
N LYS C 309 -19.40 4.00 21.19
CA LYS C 309 -18.99 3.97 22.59
C LYS C 309 -20.16 3.48 23.43
N ALA C 310 -19.85 2.93 24.59
CA ALA C 310 -20.89 2.58 25.56
C ALA C 310 -20.44 2.97 26.96
N TYR C 311 -21.39 3.46 27.75
CA TYR C 311 -21.09 3.94 29.09
C TYR C 311 -22.40 4.20 29.80
N SER C 312 -22.39 4.07 31.12
CA SER C 312 -23.54 4.44 31.93
C SER C 312 -23.43 5.91 32.29
N ASP D 29 4.10 39.89 -17.06
CA ASP D 29 4.44 39.91 -15.64
C ASP D 29 3.16 39.88 -14.80
N LEU D 30 2.25 38.99 -15.15
CA LEU D 30 0.99 38.87 -14.41
C LEU D 30 0.97 37.62 -13.54
N LYS D 31 0.13 37.66 -12.51
CA LYS D 31 -0.15 36.49 -11.69
C LYS D 31 -1.62 36.17 -11.89
N LEU D 32 -1.91 35.15 -12.68
CA LEU D 32 -3.30 34.83 -13.00
C LEU D 32 -3.79 33.60 -12.28
N VAL D 33 -5.10 33.41 -12.31
CA VAL D 33 -5.72 32.16 -11.87
C VAL D 33 -6.92 31.88 -12.78
N SER D 34 -7.05 30.63 -13.21
CA SER D 34 -8.21 30.21 -13.98
C SER D 34 -8.86 29.03 -13.29
N HIS D 35 -10.05 29.26 -12.75
CA HIS D 35 -10.79 28.18 -12.13
C HIS D 35 -12.11 27.93 -12.85
N ASN D 36 -12.36 26.68 -13.20
CA ASN D 36 -13.71 26.27 -13.57
C ASN D 36 -14.47 26.04 -12.26
N VAL D 37 -15.34 27.00 -11.91
CA VAL D 37 -15.98 26.98 -10.59
C VAL D 37 -17.19 26.05 -10.50
N TYR D 38 -17.66 25.55 -11.63
CA TYR D 38 -18.71 24.54 -11.63
C TYR D 38 -20.02 25.07 -11.02
N MET D 39 -20.47 26.22 -11.48
CA MET D 39 -21.72 26.81 -11.04
C MET D 39 -22.84 26.51 -12.01
N LEU D 40 -23.20 25.24 -12.16
CA LEU D 40 -24.34 24.88 -12.99
C LEU D 40 -25.60 25.59 -12.46
N SER D 41 -26.59 25.76 -13.32
CA SER D 41 -27.82 26.46 -12.93
C SER D 41 -28.51 25.78 -11.76
N THR D 42 -28.77 26.54 -10.69
CA THR D 42 -29.46 26.00 -9.52
C THR D 42 -30.93 25.73 -9.79
N VAL D 43 -31.40 26.12 -10.97
CA VAL D 43 -32.76 25.83 -11.38
C VAL D 43 -32.84 24.45 -12.02
N LEU D 44 -31.85 24.15 -12.86
CA LEU D 44 -31.84 22.90 -13.62
C LEU D 44 -30.96 21.82 -12.98
N TYR D 45 -30.13 22.21 -12.02
CA TYR D 45 -29.26 21.28 -11.31
C TYR D 45 -29.07 21.79 -9.88
N PRO D 46 -30.17 21.85 -9.10
CA PRO D 46 -30.27 22.57 -7.82
C PRO D 46 -29.34 22.11 -6.70
N ASN D 47 -28.86 20.87 -6.78
CA ASN D 47 -28.10 20.31 -5.67
C ASN D 47 -26.63 20.06 -5.96
N TRP D 48 -25.86 21.14 -6.07
CA TRP D 48 -24.42 21.02 -6.24
C TRP D 48 -23.68 21.95 -5.29
N GLY D 49 -24.42 22.65 -4.42
CA GLY D 49 -23.84 23.53 -3.44
C GLY D 49 -23.14 24.73 -4.05
N GLN D 50 -23.76 25.29 -5.08
CA GLN D 50 -23.21 26.42 -5.81
C GLN D 50 -22.96 27.62 -4.90
N TYR D 51 -23.92 27.92 -4.03
CA TYR D 51 -23.82 29.08 -3.14
C TYR D 51 -22.80 28.84 -2.04
N LYS D 52 -22.83 27.65 -1.46
CA LYS D 52 -21.86 27.28 -0.43
C LYS D 52 -20.46 27.46 -0.99
N ARG D 53 -20.20 26.85 -2.14
CA ARG D 53 -18.89 26.87 -2.77
C ARG D 53 -18.41 28.27 -3.17
N ALA D 54 -19.35 29.13 -3.55
CA ALA D 54 -19.01 30.51 -3.88
C ALA D 54 -18.38 31.17 -2.67
N ASP D 55 -18.86 30.79 -1.49
CA ASP D 55 -18.30 31.29 -0.23
C ASP D 55 -16.94 30.66 0.04
N LEU D 56 -16.87 29.34 -0.08
CA LEU D 56 -15.60 28.63 0.10
C LEU D 56 -14.51 29.23 -0.79
N ILE D 57 -14.83 29.41 -2.06
CA ILE D 57 -13.90 29.97 -3.03
C ILE D 57 -13.47 31.38 -2.64
N GLY D 58 -14.43 32.18 -2.16
CA GLY D 58 -14.13 33.53 -1.72
C GLY D 58 -13.21 33.57 -0.53
N GLN D 59 -13.39 32.63 0.39
CA GLN D 59 -12.59 32.57 1.61
C GLN D 59 -11.32 31.73 1.44
N SER D 60 -10.99 31.40 0.20
CA SER D 60 -9.86 30.52 -0.07
C SER D 60 -8.53 31.28 -0.12
N SER D 61 -7.45 30.53 -0.31
CA SER D 61 -6.11 31.10 -0.30
C SER D 61 -5.54 31.30 -1.70
N TYR D 62 -6.12 30.61 -2.69
CA TYR D 62 -5.59 30.65 -4.05
C TYR D 62 -6.11 31.85 -4.85
N ILE D 63 -7.33 32.29 -4.58
CA ILE D 63 -7.88 33.47 -5.26
C ILE D 63 -7.19 34.75 -4.80
N LYS D 64 -6.40 34.66 -3.73
CA LYS D 64 -5.83 35.85 -3.13
C LYS D 64 -4.39 36.11 -3.56
N ASN D 65 -4.02 37.38 -3.56
CA ASN D 65 -2.73 37.86 -4.04
C ASN D 65 -2.42 37.44 -5.48
N ASN D 66 -3.42 37.59 -6.36
CA ASN D 66 -3.20 37.51 -7.80
C ASN D 66 -3.51 38.86 -8.42
N ASP D 67 -3.34 38.97 -9.74
CA ASP D 67 -3.65 40.19 -10.45
C ASP D 67 -4.96 40.08 -11.20
N VAL D 68 -5.17 38.94 -11.85
CA VAL D 68 -6.36 38.71 -12.64
C VAL D 68 -6.90 37.30 -12.43
N VAL D 69 -8.22 37.18 -12.32
CA VAL D 69 -8.84 35.88 -12.10
C VAL D 69 -9.88 35.59 -13.17
N ILE D 70 -9.77 34.42 -13.79
CA ILE D 70 -10.70 34.00 -14.83
C ILE D 70 -11.59 32.86 -14.33
N PHE D 71 -12.89 33.10 -14.28
CA PHE D 71 -13.83 32.07 -13.83
C PHE D 71 -14.47 31.34 -15.01
N ASN D 72 -14.81 30.07 -14.79
CA ASN D 72 -15.50 29.27 -15.81
C ASN D 72 -16.72 28.55 -15.26
N GLU D 73 -17.69 28.30 -16.13
CA GLU D 73 -18.91 27.61 -15.75
C GLU D 73 -19.64 28.31 -14.60
N ALA D 74 -19.49 29.63 -14.52
CA ALA D 74 -20.25 30.42 -13.55
C ALA D 74 -21.63 30.71 -14.13
N PHE D 75 -22.32 29.65 -14.53
CA PHE D 75 -23.59 29.77 -15.25
C PHE D 75 -24.72 30.30 -14.37
N ASP D 76 -24.86 29.76 -13.16
CA ASP D 76 -25.92 30.20 -12.26
C ASP D 76 -25.76 31.66 -11.88
N ASN D 77 -26.76 32.47 -12.22
CA ASN D 77 -26.71 33.91 -12.01
C ASN D 77 -26.51 34.27 -10.54
N GLY D 78 -27.26 33.59 -9.67
CA GLY D 78 -27.19 33.87 -8.24
C GLY D 78 -25.83 33.64 -7.63
N ALA D 79 -25.38 32.38 -7.66
CA ALA D 79 -24.11 31.99 -7.05
C ALA D 79 -22.92 32.73 -7.66
N SER D 80 -22.98 32.99 -8.96
CA SER D 80 -21.90 33.68 -9.65
C SER D 80 -21.82 35.14 -9.23
N ASP D 81 -22.98 35.72 -8.91
CA ASP D 81 -23.03 37.09 -8.40
C ASP D 81 -22.40 37.17 -7.01
N LYS D 82 -22.60 36.12 -6.23
CA LYS D 82 -22.02 36.04 -4.89
C LYS D 82 -20.51 35.82 -4.99
N LEU D 83 -20.11 34.92 -5.89
CA LEU D 83 -18.70 34.67 -6.14
C LEU D 83 -18.00 35.98 -6.48
N LEU D 84 -18.57 36.70 -7.43
CA LEU D 84 -18.01 37.97 -7.88
C LEU D 84 -17.91 39.04 -6.79
N SER D 85 -18.92 39.11 -5.92
CA SER D 85 -18.91 40.10 -4.84
C SER D 85 -18.15 39.62 -3.59
N ASN D 86 -17.85 38.32 -3.55
CA ASN D 86 -16.96 37.77 -2.53
C ASN D 86 -15.53 38.18 -2.84
N VAL D 87 -15.32 38.58 -4.09
CA VAL D 87 -14.01 38.85 -4.64
C VAL D 87 -13.84 40.35 -4.89
N LYS D 88 -14.98 41.06 -4.84
CA LYS D 88 -15.08 42.45 -5.25
C LYS D 88 -14.01 43.37 -4.68
N LYS D 89 -13.65 43.17 -3.42
CA LYS D 89 -12.66 44.03 -2.78
C LYS D 89 -11.27 43.85 -3.37
N GLU D 90 -10.78 42.62 -3.35
CA GLU D 90 -9.43 42.33 -3.85
C GLU D 90 -9.33 42.55 -5.36
N TYR D 91 -10.40 42.22 -6.08
CA TYR D 91 -10.45 42.43 -7.51
C TYR D 91 -11.64 43.30 -7.89
N PRO D 92 -11.47 44.63 -7.75
CA PRO D 92 -12.52 45.64 -7.91
C PRO D 92 -13.04 45.72 -9.33
N TYR D 93 -12.15 45.58 -10.31
CA TYR D 93 -12.50 45.75 -11.71
C TYR D 93 -12.93 44.44 -12.33
N GLN D 94 -14.22 44.32 -12.62
CA GLN D 94 -14.78 43.07 -13.10
C GLN D 94 -15.59 43.28 -14.37
N THR D 95 -15.77 42.19 -15.12
CA THR D 95 -16.62 42.22 -16.30
C THR D 95 -17.93 41.50 -15.96
N PRO D 96 -18.95 41.66 -16.80
CA PRO D 96 -20.15 40.84 -16.64
C PRO D 96 -19.81 39.38 -16.92
N VAL D 97 -20.79 38.48 -16.83
CA VAL D 97 -20.59 37.10 -17.27
C VAL D 97 -20.90 37.00 -18.76
N LEU D 98 -19.93 36.47 -19.51
CA LEU D 98 -20.08 36.25 -20.94
C LEU D 98 -21.44 35.61 -21.26
N GLY D 99 -22.15 36.19 -22.22
CA GLY D 99 -23.40 35.63 -22.70
C GLY D 99 -24.62 36.01 -21.89
N ARG D 100 -24.39 36.55 -20.70
CA ARG D 100 -25.48 36.91 -19.79
C ARG D 100 -26.35 38.02 -20.36
N SER D 101 -25.74 39.19 -20.56
CA SER D 101 -26.47 40.33 -21.13
C SER D 101 -25.66 41.03 -22.20
N GLN D 102 -26.27 42.01 -22.84
CA GLN D 102 -25.65 42.78 -23.91
C GLN D 102 -25.19 44.12 -23.38
N SER D 103 -25.66 44.44 -22.18
CA SER D 103 -25.31 45.69 -21.51
C SER D 103 -24.16 45.47 -20.54
N GLY D 104 -23.27 46.45 -20.46
CA GLY D 104 -22.11 46.36 -19.58
C GLY D 104 -20.84 45.99 -20.32
N TRP D 105 -20.96 45.84 -21.64
CA TRP D 105 -19.81 45.56 -22.50
C TRP D 105 -19.53 46.75 -23.42
N ASP D 106 -18.26 46.95 -23.75
CA ASP D 106 -17.86 48.00 -24.70
C ASP D 106 -18.27 47.59 -26.11
N LYS D 107 -18.33 46.28 -26.33
CA LYS D 107 -18.62 45.73 -27.64
C LYS D 107 -19.11 44.30 -27.49
N THR D 108 -19.97 43.86 -28.39
CA THR D 108 -20.46 42.49 -28.37
C THR D 108 -20.35 41.87 -29.76
N GLU D 109 -19.49 40.86 -29.90
CA GLU D 109 -19.26 40.21 -31.18
C GLU D 109 -19.82 38.79 -31.20
N GLY D 110 -19.74 38.17 -32.37
CA GLY D 110 -20.09 36.76 -32.51
C GLY D 110 -21.57 36.51 -32.72
N SER D 111 -22.01 35.31 -32.34
CA SER D 111 -23.41 34.91 -32.51
C SER D 111 -24.17 34.98 -31.21
N TYR D 112 -24.20 36.17 -30.60
CA TYR D 112 -24.99 36.39 -29.41
C TYR D 112 -26.47 36.26 -29.73
N SER D 113 -27.23 35.66 -28.83
CA SER D 113 -28.67 35.56 -28.99
C SER D 113 -29.38 35.63 -27.64
N SER D 114 -30.58 36.20 -27.63
CA SER D 114 -31.34 36.40 -26.41
C SER D 114 -32.45 35.37 -26.28
N THR D 115 -32.25 34.22 -26.92
CA THR D 115 -33.27 33.18 -26.95
C THR D 115 -32.70 31.87 -26.46
N VAL D 116 -31.62 31.97 -25.70
CA VAL D 116 -30.85 30.79 -25.30
C VAL D 116 -30.97 30.52 -23.80
N ALA D 117 -30.92 29.24 -23.44
CA ALA D 117 -31.17 28.81 -22.07
C ALA D 117 -30.11 29.27 -21.06
N GLU D 118 -28.84 29.27 -21.49
CA GLU D 118 -27.76 29.62 -20.58
C GLU D 118 -26.73 30.57 -21.22
N ASP D 119 -25.95 31.25 -20.39
CA ASP D 119 -24.91 32.15 -20.88
C ASP D 119 -23.63 31.39 -21.24
N GLY D 120 -22.48 32.04 -21.09
CA GLY D 120 -21.20 31.45 -21.45
C GLY D 120 -20.37 31.05 -20.23
N GLY D 121 -20.71 31.59 -19.08
CA GLY D 121 -20.08 31.21 -17.83
C GLY D 121 -18.75 31.88 -17.54
N VAL D 122 -18.26 32.67 -18.49
CA VAL D 122 -16.94 33.26 -18.37
C VAL D 122 -16.95 34.70 -17.83
N ALA D 123 -16.12 34.98 -16.83
CA ALA D 123 -16.00 36.30 -16.26
C ALA D 123 -14.56 36.56 -15.83
N ILE D 124 -14.09 37.78 -16.01
CA ILE D 124 -12.73 38.13 -15.60
C ILE D 124 -12.76 39.25 -14.56
N VAL D 125 -11.98 39.08 -13.49
CA VAL D 125 -11.85 40.11 -12.46
C VAL D 125 -10.39 40.50 -12.33
N SER D 126 -10.13 41.66 -11.71
CA SER D 126 -8.81 42.25 -11.75
C SER D 126 -8.55 43.23 -10.61
N LYS D 127 -7.32 43.25 -10.13
CA LYS D 127 -6.86 44.27 -9.18
C LYS D 127 -6.72 45.61 -9.91
N TYR D 128 -6.51 45.53 -11.22
CA TYR D 128 -6.16 46.71 -12.01
C TYR D 128 -7.26 47.11 -12.99
N PRO D 129 -7.31 48.41 -13.32
CA PRO D 129 -8.33 49.01 -14.18
C PRO D 129 -8.54 48.27 -15.49
N ILE D 130 -9.80 47.95 -15.79
CA ILE D 130 -10.17 47.38 -17.09
C ILE D 130 -10.62 48.49 -18.03
N LYS D 131 -9.85 48.70 -19.09
CA LYS D 131 -10.10 49.84 -19.98
C LYS D 131 -10.85 49.44 -21.25
N GLU D 132 -11.23 48.17 -21.32
CA GLU D 132 -12.03 47.68 -22.43
C GLU D 132 -12.46 46.24 -22.20
N LYS D 133 -13.70 45.93 -22.57
CA LYS D 133 -14.19 44.56 -22.48
C LYS D 133 -15.14 44.23 -23.62
N ILE D 134 -14.70 43.35 -24.50
CA ILE D 134 -15.55 42.82 -25.55
C ILE D 134 -15.93 41.40 -25.17
N GLN D 135 -17.13 41.00 -25.53
CA GLN D 135 -17.52 39.60 -25.41
C GLN D 135 -17.72 39.06 -26.80
N HIS D 136 -17.33 37.81 -27.01
CA HIS D 136 -17.51 37.17 -28.29
C HIS D 136 -18.09 35.78 -28.07
N VAL D 137 -19.20 35.50 -28.73
CA VAL D 137 -19.82 34.18 -28.65
C VAL D 137 -19.45 33.38 -29.89
N PHE D 138 -19.16 32.10 -29.71
CA PHE D 138 -18.78 31.24 -30.83
C PHE D 138 -19.97 31.00 -31.75
N LYS D 139 -19.70 30.85 -33.05
CA LYS D 139 -20.74 30.52 -34.02
C LYS D 139 -21.21 29.08 -33.86
N SER D 140 -20.27 28.20 -33.54
CA SER D 140 -20.54 26.77 -33.49
C SER D 140 -20.67 26.21 -32.07
N GLY D 141 -21.49 25.17 -31.93
CA GLY D 141 -21.71 24.50 -30.67
C GLY D 141 -22.67 23.33 -30.85
N CYS D 142 -22.42 22.24 -30.14
CA CYS D 142 -23.29 21.07 -30.22
C CYS D 142 -23.67 20.57 -28.82
N GLY D 143 -24.72 19.76 -28.77
CA GLY D 143 -25.20 19.23 -27.49
C GLY D 143 -25.76 20.34 -26.61
N PHE D 144 -25.38 20.30 -25.34
CA PHE D 144 -25.83 21.31 -24.39
C PHE D 144 -25.23 22.68 -24.70
N ASP D 145 -23.97 22.68 -25.14
CA ASP D 145 -23.29 23.92 -25.48
C ASP D 145 -23.96 24.64 -26.64
N ASN D 146 -24.83 23.92 -27.33
CA ASN D 146 -25.61 24.49 -28.42
C ASN D 146 -26.64 25.46 -27.90
N ASP D 147 -27.17 25.16 -26.71
CA ASP D 147 -28.14 26.03 -26.07
C ASP D 147 -27.48 26.90 -25.00
N SER D 148 -26.29 27.38 -25.31
CA SER D 148 -25.56 28.29 -24.42
C SER D 148 -24.99 29.45 -25.23
N ASN D 149 -24.49 30.46 -24.54
CA ASN D 149 -23.79 31.56 -25.18
C ASN D 149 -22.30 31.48 -24.92
N LYS D 150 -21.73 30.29 -25.10
CA LYS D 150 -20.31 30.09 -24.84
C LYS D 150 -19.47 30.81 -25.88
N GLY D 151 -18.35 31.35 -25.43
CA GLY D 151 -17.45 32.12 -26.26
C GLY D 151 -16.33 32.60 -25.37
N PHE D 152 -15.64 33.67 -25.78
CA PHE D 152 -14.57 34.19 -24.95
C PHE D 152 -14.81 35.64 -24.51
N VAL D 153 -14.01 36.08 -23.54
CA VAL D 153 -14.12 37.41 -22.98
C VAL D 153 -12.78 38.12 -23.13
N TYR D 154 -12.70 39.06 -24.06
CA TYR D 154 -11.50 39.86 -24.20
C TYR D 154 -11.47 40.94 -23.14
N THR D 155 -10.28 41.26 -22.66
CA THR D 155 -10.12 42.28 -21.65
C THR D 155 -8.81 43.03 -21.89
N LYS D 156 -8.81 44.32 -21.61
CA LYS D 156 -7.62 45.14 -21.80
C LYS D 156 -7.35 45.93 -20.53
N ILE D 157 -6.68 45.31 -19.57
CA ILE D 157 -6.41 45.96 -18.29
C ILE D 157 -5.16 46.82 -18.42
N GLU D 158 -5.01 47.78 -17.51
CA GLU D 158 -3.83 48.64 -17.51
C GLU D 158 -3.13 48.62 -16.16
N LYS D 159 -1.99 47.95 -16.12
CA LYS D 159 -1.19 47.84 -14.91
C LYS D 159 0.04 48.74 -14.99
N ASN D 160 0.08 49.74 -14.11
CA ASN D 160 1.22 50.65 -14.02
C ASN D 160 1.48 51.42 -15.32
N GLY D 161 0.41 51.85 -15.98
CA GLY D 161 0.54 52.62 -17.21
C GLY D 161 0.86 51.78 -18.43
N LYS D 162 1.03 50.47 -18.22
CA LYS D 162 1.29 49.55 -19.31
C LYS D 162 0.03 48.75 -19.64
N ASN D 163 -0.20 48.49 -20.92
CA ASN D 163 -1.38 47.73 -21.35
C ASN D 163 -1.14 46.22 -21.40
N VAL D 164 -1.99 45.48 -20.69
CA VAL D 164 -1.95 44.02 -20.72
C VAL D 164 -3.30 43.48 -21.17
N HIS D 165 -3.27 42.46 -22.01
CA HIS D 165 -4.51 41.92 -22.59
C HIS D 165 -4.77 40.50 -22.13
N VAL D 166 -5.98 40.26 -21.66
CA VAL D 166 -6.32 38.96 -21.09
C VAL D 166 -7.62 38.40 -21.66
N ILE D 167 -7.54 37.19 -22.20
CA ILE D 167 -8.71 36.54 -22.78
C ILE D 167 -9.08 35.29 -21.97
N GLY D 168 -10.33 35.22 -21.56
CA GLY D 168 -10.82 34.05 -20.85
C GLY D 168 -11.83 33.33 -21.72
N THR D 169 -11.74 32.01 -21.77
CA THR D 169 -12.63 31.25 -22.65
C THR D 169 -13.03 29.91 -22.04
N HIS D 170 -13.86 29.18 -22.77
CA HIS D 170 -14.37 27.91 -22.32
C HIS D 170 -15.02 27.25 -23.54
N THR D 171 -14.29 26.33 -24.15
CA THR D 171 -14.69 25.76 -25.42
C THR D 171 -15.63 24.57 -25.29
N GLN D 172 -16.06 24.05 -26.44
CA GLN D 172 -16.95 22.89 -26.52
C GLN D 172 -16.43 21.71 -25.68
N SER D 173 -17.29 21.21 -24.80
CA SER D 173 -16.93 20.07 -23.97
C SER D 173 -17.34 18.75 -24.60
N GLU D 174 -16.72 17.67 -24.16
CA GLU D 174 -17.03 16.33 -24.68
C GLU D 174 -18.48 15.98 -24.41
N ASP D 175 -19.30 15.98 -25.45
CA ASP D 175 -20.70 15.60 -25.30
C ASP D 175 -20.92 14.22 -25.90
N SER D 176 -21.26 13.27 -25.04
CA SER D 176 -21.48 11.88 -25.47
C SER D 176 -22.62 11.78 -26.47
N ARG D 177 -23.50 12.78 -26.45
CA ARG D 177 -24.62 12.81 -27.39
C ARG D 177 -24.55 14.00 -28.35
N CYS D 178 -23.57 13.98 -29.24
CA CYS D 178 -23.48 14.95 -30.33
C CYS D 178 -22.36 14.57 -31.30
N GLY D 179 -22.72 14.31 -32.55
CA GLY D 179 -21.75 13.96 -33.58
C GLY D 179 -20.85 12.79 -33.23
N ALA D 180 -19.79 12.61 -34.02
CA ALA D 180 -18.80 11.59 -33.76
C ALA D 180 -17.58 12.22 -33.09
N GLY D 181 -16.78 12.90 -33.90
CA GLY D 181 -15.66 13.68 -33.38
C GLY D 181 -15.92 15.16 -33.60
N HIS D 182 -17.20 15.51 -33.69
CA HIS D 182 -17.59 16.88 -34.00
C HIS D 182 -17.19 17.86 -32.90
N ASP D 183 -17.22 17.42 -31.65
CA ASP D 183 -16.77 18.26 -30.55
C ASP D 183 -15.33 18.73 -30.80
N ARG D 184 -14.51 17.85 -31.35
CA ARG D 184 -13.13 18.18 -31.65
C ARG D 184 -13.02 19.20 -32.79
N LYS D 185 -13.82 18.99 -33.82
CA LYS D 185 -13.83 19.90 -34.98
C LYS D 185 -14.40 21.27 -34.63
N ILE D 186 -15.34 21.28 -33.69
CA ILE D 186 -15.94 22.53 -33.23
C ILE D 186 -14.95 23.32 -32.40
N ARG D 187 -14.26 22.65 -31.48
CA ARG D 187 -13.22 23.28 -30.68
C ARG D 187 -12.18 23.93 -31.58
N ALA D 188 -11.87 23.26 -32.69
CA ALA D 188 -10.91 23.79 -33.65
C ALA D 188 -11.40 25.13 -34.18
N GLU D 189 -12.66 25.16 -34.62
CA GLU D 189 -13.26 26.39 -35.13
C GLU D 189 -13.25 27.48 -34.07
N GLN D 190 -13.66 27.13 -32.85
CA GLN D 190 -13.73 28.09 -31.76
C GLN D 190 -12.39 28.73 -31.44
N MET D 191 -11.36 27.89 -31.23
CA MET D 191 -10.01 28.38 -30.98
C MET D 191 -9.51 29.23 -32.14
N LYS D 192 -10.02 28.93 -33.34
CA LYS D 192 -9.67 29.68 -34.54
C LYS D 192 -10.28 31.08 -34.45
N GLU D 193 -11.51 31.16 -33.95
CA GLU D 193 -12.18 32.44 -33.77
C GLU D 193 -11.42 33.33 -32.80
N ILE D 194 -10.79 32.71 -31.81
CA ILE D 194 -10.02 33.45 -30.82
C ILE D 194 -8.76 34.04 -31.44
N SER D 195 -8.00 33.19 -32.13
CA SER D 195 -6.74 33.61 -32.74
C SER D 195 -6.99 34.64 -33.84
N ASP D 196 -8.10 34.48 -34.56
CA ASP D 196 -8.48 35.44 -35.59
C ASP D 196 -8.86 36.76 -34.95
N PHE D 197 -9.49 36.68 -33.79
CA PHE D 197 -9.91 37.87 -33.06
C PHE D 197 -8.70 38.71 -32.63
N VAL D 198 -7.61 38.03 -32.28
CA VAL D 198 -6.43 38.71 -31.77
C VAL D 198 -5.62 39.38 -32.88
N LYS D 199 -5.58 38.74 -34.05
CA LYS D 199 -4.84 39.30 -35.17
C LYS D 199 -5.57 40.51 -35.76
N LYS D 200 -6.90 40.46 -35.74
CA LYS D 200 -7.72 41.54 -36.29
C LYS D 200 -7.71 42.76 -35.36
N LYS D 201 -7.16 42.57 -34.16
CA LYS D 201 -7.19 43.59 -33.13
C LYS D 201 -5.99 44.52 -33.19
N ASN D 202 -5.03 44.21 -34.06
CA ASN D 202 -3.83 45.01 -34.23
C ASN D 202 -3.16 45.39 -32.91
N ILE D 203 -3.10 44.45 -31.98
CA ILE D 203 -2.48 44.68 -30.69
C ILE D 203 -0.95 44.74 -30.82
N PRO D 204 -0.35 45.81 -30.28
CA PRO D 204 1.10 46.02 -30.32
C PRO D 204 1.87 44.75 -29.94
N LYS D 205 2.98 44.51 -30.63
CA LYS D 205 3.79 43.32 -30.38
C LYS D 205 4.56 43.39 -29.07
N ASP D 206 4.67 44.59 -28.50
CA ASP D 206 5.38 44.77 -27.23
C ASP D 206 4.46 44.61 -26.03
N GLU D 207 3.26 44.09 -26.26
CA GLU D 207 2.28 43.87 -25.19
C GLU D 207 1.82 42.42 -25.16
N THR D 208 1.74 41.86 -23.96
CA THR D 208 1.42 40.44 -23.79
C THR D 208 -0.09 40.19 -23.86
N VAL D 209 -0.45 39.05 -24.46
CA VAL D 209 -1.86 38.67 -24.58
C VAL D 209 -2.08 37.26 -24.02
N TYR D 210 -2.54 37.18 -22.78
CA TYR D 210 -2.80 35.90 -22.14
C TYR D 210 -4.09 35.28 -22.67
N ILE D 211 -4.15 33.95 -22.65
CA ILE D 211 -5.32 33.23 -23.13
C ILE D 211 -5.54 31.98 -22.28
N GLY D 212 -6.55 32.01 -21.42
CA GLY D 212 -6.77 30.93 -20.49
C GLY D 212 -8.19 30.42 -20.43
N GLY D 213 -8.43 29.49 -19.52
CA GLY D 213 -9.75 28.91 -19.34
C GLY D 213 -9.76 27.42 -19.56
N ASP D 214 -10.95 26.83 -19.58
CA ASP D 214 -11.12 25.40 -19.83
C ASP D 214 -11.19 25.16 -21.32
N LEU D 215 -10.08 24.72 -21.90
CA LEU D 215 -9.99 24.50 -23.34
C LEU D 215 -10.47 23.11 -23.73
N ASN D 216 -10.81 22.31 -22.73
CA ASN D 216 -11.33 20.97 -22.94
C ASN D 216 -10.48 20.13 -23.89
N VAL D 217 -9.16 20.27 -23.75
CA VAL D 217 -8.21 19.49 -24.51
C VAL D 217 -7.18 18.87 -23.56
N ASN D 218 -7.18 17.55 -23.46
CA ASN D 218 -6.27 16.85 -22.56
C ASN D 218 -4.81 17.03 -22.98
N LYS D 219 -3.98 17.46 -22.03
CA LYS D 219 -2.57 17.77 -22.31
C LYS D 219 -1.84 16.61 -22.98
N GLY D 220 -0.92 16.94 -23.90
CA GLY D 220 -0.12 15.94 -24.57
C GLY D 220 -0.96 14.93 -25.34
N THR D 221 -1.82 15.42 -26.22
CA THR D 221 -2.54 14.56 -27.14
C THR D 221 -2.44 15.18 -28.53
N PRO D 222 -2.69 14.39 -29.58
CA PRO D 222 -2.63 14.93 -30.94
C PRO D 222 -3.50 16.17 -31.11
N GLU D 223 -4.62 16.23 -30.39
CA GLU D 223 -5.48 17.40 -30.42
C GLU D 223 -4.82 18.59 -29.71
N PHE D 224 -4.06 18.30 -28.66
CA PHE D 224 -3.35 19.34 -27.92
C PHE D 224 -2.34 20.03 -28.82
N LYS D 225 -1.73 19.27 -29.72
CA LYS D 225 -0.81 19.84 -30.70
C LYS D 225 -1.55 20.79 -31.63
N ASP D 226 -2.75 20.40 -32.03
CA ASP D 226 -3.57 21.22 -32.90
C ASP D 226 -4.02 22.48 -32.18
N MET D 227 -4.33 22.34 -30.90
CA MET D 227 -4.81 23.46 -30.10
C MET D 227 -3.78 24.59 -30.03
N LEU D 228 -2.51 24.22 -29.86
CA LEU D 228 -1.42 25.18 -29.79
C LEU D 228 -1.30 26.01 -31.06
N LYS D 229 -1.52 25.36 -32.20
CA LYS D 229 -1.41 26.02 -33.50
C LYS D 229 -2.65 26.83 -33.83
N ASN D 230 -3.81 26.33 -33.41
CA ASN D 230 -5.07 27.03 -33.62
C ASN D 230 -5.17 28.28 -32.75
N LEU D 231 -4.81 28.14 -31.48
CA LEU D 231 -4.76 29.29 -30.57
C LEU D 231 -3.57 30.20 -30.85
N ASN D 232 -2.67 29.75 -31.72
CA ASN D 232 -1.44 30.47 -32.00
C ASN D 232 -0.63 30.71 -30.73
N VAL D 233 -0.31 29.62 -30.04
CA VAL D 233 0.19 29.70 -28.68
C VAL D 233 1.38 28.75 -28.44
N ASN D 234 2.34 29.20 -27.65
CA ASN D 234 3.47 28.35 -27.24
C ASN D 234 3.07 27.48 -26.05
N ASP D 235 3.78 26.39 -25.83
CA ASP D 235 3.50 25.58 -24.64
C ASP D 235 4.08 26.22 -23.39
N VAL D 236 3.78 25.62 -22.25
CA VAL D 236 4.09 26.19 -20.95
C VAL D 236 4.79 25.14 -20.08
N LEU D 237 5.68 25.61 -19.20
CA LEU D 237 6.23 24.72 -18.17
C LEU D 237 5.14 24.50 -17.12
N TYR D 238 4.95 23.24 -16.74
CA TYR D 238 3.91 22.93 -15.76
C TYR D 238 4.48 22.66 -14.37
N ALA D 239 3.71 23.00 -13.35
CA ALA D 239 4.10 22.74 -11.97
C ALA D 239 2.93 22.18 -11.17
N GLY D 240 3.25 21.50 -10.08
CA GLY D 240 2.23 21.01 -9.17
C GLY D 240 1.65 19.65 -9.53
N HIS D 241 0.37 19.65 -9.85
CA HIS D 241 -0.40 18.43 -10.07
C HIS D 241 -0.59 18.25 -11.58
N ASN D 242 -0.41 17.02 -12.08
CA ASN D 242 -0.50 16.78 -13.53
C ASN D 242 -1.91 16.46 -14.01
N SER D 243 -2.90 16.85 -13.21
CA SER D 243 -4.29 16.64 -13.55
C SER D 243 -5.11 17.90 -13.20
N THR D 244 -6.15 18.16 -13.98
CA THR D 244 -7.03 19.31 -13.74
C THR D 244 -8.42 18.84 -13.31
N TRP D 245 -8.86 17.75 -13.92
CA TRP D 245 -10.08 17.07 -13.51
C TRP D 245 -9.66 15.68 -13.05
N ASP D 246 -9.64 15.48 -11.73
CA ASP D 246 -9.03 14.29 -11.14
C ASP D 246 -9.96 13.52 -10.19
N PRO D 247 -10.60 12.45 -10.70
CA PRO D 247 -11.55 11.62 -9.95
C PRO D 247 -10.89 10.72 -8.90
N GLN D 248 -9.60 10.91 -8.65
CA GLN D 248 -8.91 10.13 -7.62
C GLN D 248 -8.77 10.95 -6.36
N SER D 249 -8.74 12.27 -6.52
CA SER D 249 -8.55 13.18 -5.40
C SER D 249 -9.69 14.18 -5.23
N ASN D 250 -10.49 14.37 -6.27
CA ASN D 250 -11.60 15.33 -6.21
C ASN D 250 -12.93 14.68 -5.80
N SER D 251 -13.51 15.19 -4.72
CA SER D 251 -14.74 14.64 -4.15
C SER D 251 -15.88 14.68 -5.15
N ILE D 252 -15.94 15.79 -5.89
CA ILE D 252 -17.02 16.02 -6.85
C ILE D 252 -16.77 15.26 -8.14
N ALA D 253 -15.53 15.28 -8.61
CA ALA D 253 -15.15 14.56 -9.83
C ALA D 253 -15.25 13.06 -9.60
N LYS D 254 -14.85 12.62 -8.41
CA LYS D 254 -14.99 11.23 -8.00
C LYS D 254 -16.46 10.84 -8.01
N TYR D 255 -17.32 11.74 -7.55
CA TYR D 255 -18.76 11.48 -7.52
C TYR D 255 -19.34 11.35 -8.92
N ASN D 256 -19.01 12.32 -9.79
CA ASN D 256 -19.48 12.32 -11.17
C ASN D 256 -19.12 11.04 -11.93
N TYR D 257 -17.82 10.78 -12.06
CA TYR D 257 -17.34 9.59 -12.74
C TYR D 257 -16.21 8.95 -11.93
N PRO D 258 -16.56 7.98 -11.07
CA PRO D 258 -15.57 7.29 -10.22
C PRO D 258 -14.68 6.40 -11.07
N ASN D 259 -15.15 6.11 -12.29
CA ASN D 259 -14.40 5.29 -13.24
C ASN D 259 -12.98 5.80 -13.43
N GLY D 260 -12.81 7.11 -13.40
CA GLY D 260 -11.49 7.71 -13.40
C GLY D 260 -11.04 8.24 -14.74
N LYS D 261 -9.74 8.05 -15.02
CA LYS D 261 -9.09 8.62 -16.19
C LYS D 261 -8.97 10.13 -16.04
N PRO D 262 -8.04 10.58 -15.19
CA PRO D 262 -7.78 11.99 -14.94
C PRO D 262 -7.40 12.72 -16.22
N GLU D 263 -7.80 13.97 -16.35
CA GLU D 263 -7.48 14.76 -17.53
C GLU D 263 -6.91 16.11 -17.12
N HIS D 264 -6.24 16.76 -18.06
CA HIS D 264 -5.66 18.08 -17.83
C HIS D 264 -6.27 19.03 -18.84
N LEU D 265 -7.15 19.91 -18.39
CA LEU D 265 -7.98 20.68 -19.33
C LEU D 265 -7.90 22.19 -19.17
N ASP D 266 -7.44 22.66 -18.02
CA ASP D 266 -7.31 24.10 -17.78
C ASP D 266 -5.91 24.63 -18.12
N TYR D 267 -5.85 25.70 -18.90
CA TYR D 267 -4.57 26.32 -19.26
C TYR D 267 -4.68 27.84 -19.25
N ILE D 268 -3.56 28.51 -18.99
CA ILE D 268 -3.43 29.89 -19.46
C ILE D 268 -2.15 30.01 -20.31
N PHE D 269 -2.27 30.68 -21.44
CA PHE D 269 -1.18 30.79 -22.39
C PHE D 269 -0.87 32.24 -22.71
N THR D 270 -0.05 32.43 -23.74
CA THR D 270 0.15 33.74 -24.35
C THR D 270 0.27 33.56 -25.86
N ASP D 271 -0.20 34.55 -26.61
CA ASP D 271 -0.06 34.52 -28.06
C ASP D 271 1.41 34.49 -28.43
N LYS D 272 1.78 33.58 -29.31
CA LYS D 272 3.18 33.40 -29.69
C LYS D 272 3.73 34.59 -30.48
N ASP D 273 2.85 35.30 -31.17
CA ASP D 273 3.24 36.42 -32.03
C ASP D 273 3.20 37.76 -31.29
N HIS D 274 3.01 37.71 -29.97
CA HIS D 274 3.00 38.91 -29.16
C HIS D 274 4.00 38.79 -28.01
N LYS D 275 4.18 39.89 -27.27
CA LYS D 275 5.17 39.96 -26.21
C LYS D 275 5.10 38.74 -25.30
N GLN D 276 6.20 38.02 -25.20
CA GLN D 276 6.24 36.77 -24.46
C GLN D 276 6.90 36.94 -23.09
N PRO D 277 6.24 36.43 -22.04
CA PRO D 277 6.76 36.44 -20.67
C PRO D 277 7.99 35.55 -20.53
N LYS D 278 8.84 35.86 -19.57
CA LYS D 278 10.09 35.12 -19.37
C LYS D 278 9.88 33.62 -19.29
N GLN D 279 9.33 33.16 -18.18
CA GLN D 279 9.18 31.73 -17.92
C GLN D 279 7.76 31.45 -17.42
N LEU D 280 6.80 31.47 -18.32
CA LEU D 280 5.40 31.27 -17.96
C LEU D 280 5.15 29.83 -17.55
N VAL D 281 4.54 29.64 -16.38
CA VAL D 281 4.19 28.30 -15.92
C VAL D 281 2.75 28.22 -15.43
N ASN D 282 2.10 27.09 -15.71
CA ASN D 282 0.81 26.76 -15.13
C ASN D 282 1.05 25.87 -13.93
N GLU D 283 0.59 26.29 -12.75
CA GLU D 283 0.63 25.42 -11.59
C GLU D 283 -0.78 24.98 -11.20
N VAL D 284 -0.98 23.68 -11.09
CA VAL D 284 -2.27 23.16 -10.66
C VAL D 284 -2.35 23.14 -9.14
N VAL D 285 -3.35 23.85 -8.60
CA VAL D 285 -3.54 23.97 -7.16
C VAL D 285 -4.54 22.93 -6.66
N THR D 286 -4.22 22.32 -5.52
CA THR D 286 -5.04 21.25 -4.96
C THR D 286 -5.65 21.64 -3.62
N GLU D 287 -5.65 22.95 -3.34
CA GLU D 287 -6.20 23.46 -2.08
C GLU D 287 -7.65 23.01 -1.89
N LYS D 288 -8.02 22.74 -0.64
CA LYS D 288 -9.37 22.31 -0.32
C LYS D 288 -9.94 23.04 0.90
N PRO D 289 -11.28 23.10 0.97
CA PRO D 289 -12.00 23.77 2.05
C PRO D 289 -12.39 22.78 3.14
N LYS D 290 -12.84 23.29 4.28
CA LYS D 290 -13.45 22.44 5.30
C LYS D 290 -14.70 21.81 4.69
N PRO D 291 -14.84 20.48 4.85
CA PRO D 291 -15.93 19.70 4.25
C PRO D 291 -17.29 20.38 4.40
N TRP D 292 -18.03 20.49 3.30
CA TRP D 292 -19.34 21.13 3.35
C TRP D 292 -20.49 20.14 3.17
N ASP D 293 -21.70 20.62 3.40
CA ASP D 293 -22.88 19.77 3.36
C ASP D 293 -23.80 20.18 2.23
N VAL D 294 -24.29 19.19 1.48
CA VAL D 294 -25.37 19.42 0.53
C VAL D 294 -26.45 18.34 0.71
N ASP D 295 -27.37 18.59 1.64
CA ASP D 295 -28.45 17.65 1.95
C ASP D 295 -27.92 16.35 2.56
N GLY D 296 -27.00 16.48 3.51
CA GLY D 296 -26.44 15.33 4.18
C GLY D 296 -25.15 14.83 3.55
N TYR D 297 -25.08 14.87 2.22
CA TYR D 297 -23.91 14.39 1.49
C TYR D 297 -22.73 15.36 1.60
N VAL D 298 -21.57 14.81 1.95
CA VAL D 298 -20.39 15.63 2.24
C VAL D 298 -19.34 15.56 1.14
N TYR D 299 -18.74 16.72 0.86
CA TYR D 299 -17.64 16.81 -0.10
C TYR D 299 -16.61 17.83 0.41
N ASN D 300 -15.52 18.01 -0.33
CA ASN D 300 -14.49 18.97 0.10
C ASN D 300 -13.58 19.49 -1.01
N ASP D 301 -14.17 20.05 -2.05
CA ASP D 301 -13.42 20.65 -3.14
C ASP D 301 -14.19 21.86 -3.66
N PHE D 302 -13.48 22.95 -3.92
CA PHE D 302 -14.13 24.17 -4.41
C PHE D 302 -14.95 23.94 -5.70
N SER D 303 -14.59 22.90 -6.44
CA SER D 303 -15.24 22.56 -7.70
C SER D 303 -14.76 21.17 -8.13
N ASP D 304 -15.30 20.64 -9.22
CA ASP D 304 -14.79 19.37 -9.74
C ASP D 304 -13.50 19.57 -10.54
N HIS D 305 -13.17 20.83 -10.80
CA HIS D 305 -11.88 21.20 -11.40
C HIS D 305 -10.98 21.86 -10.37
N TYR D 306 -9.68 21.72 -10.56
CA TYR D 306 -8.70 22.43 -9.74
C TYR D 306 -8.31 23.72 -10.45
N PRO D 307 -7.99 24.76 -9.66
CA PRO D 307 -7.56 26.03 -10.22
C PRO D 307 -6.14 25.91 -10.77
N ILE D 308 -5.78 26.74 -11.73
CA ILE D 308 -4.39 26.81 -12.16
C ILE D 308 -3.85 28.22 -11.95
N LYS D 309 -2.63 28.32 -11.43
CA LYS D 309 -1.96 29.60 -11.34
C LYS D 309 -1.07 29.79 -12.55
N ALA D 310 -0.77 31.04 -12.88
CA ALA D 310 0.21 31.34 -13.90
C ALA D 310 1.10 32.49 -13.46
N TYR D 311 2.38 32.39 -13.79
CA TYR D 311 3.35 33.38 -13.37
C TYR D 311 4.65 33.12 -14.10
N SER D 312 5.44 34.17 -14.31
CA SER D 312 6.77 34.02 -14.87
C SER D 312 7.75 33.79 -13.74
N LYS D 313 8.77 32.98 -13.98
CA LYS D 313 9.75 32.67 -12.96
C LYS D 313 11.11 33.25 -13.32
CA1 DGA E . -26.41 15.05 -7.73
CA2 DGA E . -27.66 14.51 -8.29
CA3 DGA E . -28.70 15.57 -7.97
CA4 DGA E . -30.08 14.97 -7.82
CA5 DGA E . -30.96 15.50 -8.94
CB1 DGA E . -26.78 14.44 -4.21
CB2 DGA E . -26.83 12.96 -4.35
CB3 DGA E . -28.29 12.58 -4.45
CB4 DGA E . -28.33 11.08 -4.66
CB5 DGA E . -27.02 10.43 -4.25
OB1 DGA E . -27.86 14.97 -4.13
OG1 DGA E . -26.57 16.35 -7.18
CG1 DGA E . -26.20 16.68 -5.85
CG2 DGA E . -25.07 15.84 -5.32
OG2 DGA E . -25.53 15.20 -4.12
CG3 DGA E . -23.85 16.75 -5.04
OXT DGA E . -22.78 16.74 -6.02
#